data_8AYF
#
_entry.id   8AYF
#
_cell.length_a   59.160
_cell.length_b   127.410
_cell.length_c   66.950
_cell.angle_alpha   90.000
_cell.angle_beta   104.850
_cell.angle_gamma   90.000
#
_symmetry.space_group_name_H-M   'P 1 21 1'
#
loop_
_entity.id
_entity.type
_entity.pdbx_description
1 polymer 'Sphingosine-1-phosphate lyase 1'
2 non-polymer 'ACETATE ION'
3 non-polymer GLYCEROL
4 water water
#
_entity_poly.entity_id   1
_entity_poly.type   'polypeptide(L)'
_entity_poly.pdbx_seq_one_letter_code
;MPIIGRKIQDKLNKTKDDISKNMSFLKVDKEYVKALPSQGLSSSAVLEKLKEYSSMDAFWQEGRASGTVYSGEEKLTELL
VKAYGDFAWSNPLHPDIFPGLRKIEAEIVRIACSLFNGGPDSCGCVTSGGTESILMACKAYRDLAFEKGIKTPEIVAPQS
AHAAFNKAASYFGMKIVRVPLTKMMEVDVRAMRRAISRNTAMLVCSTPQFPHGVIDPVPEVAKLAVKYKIPLHVDACLGG
FLIVFMEKAGYPLEHPFDFRVKGVTSISADTH(LLP)YGYAPKGSSLVLYSDKKYRNYQFFVDTDWQGGIYASPTIAGSR
PGGISAACWAALMHFGENGYVEATKQIIKTARFLKSELENIKGIFVFGNPQLSVIALGSRDFDIYRLSNLMTAKGWNLNQ
LQFPPSIHFCITLLHARKRVAIQFLKDIRESVTQIMKNPKAKTTGMGAIYGMAQTTVDRNMVAELSSVFLDSLYSTDTVT
QGSQMNGSPKPHHHHHHH
;
_entity_poly.pdbx_strand_id   A,B
#
# COMPACT_ATOMS: atom_id res chain seq x y z
N GLU A 31 -10.16 -29.15 3.39
CA GLU A 31 -10.55 -27.94 2.63
C GLU A 31 -9.49 -26.84 2.78
N TYR A 32 -9.26 -26.32 4.00
CA TYR A 32 -8.28 -25.24 4.21
C TYR A 32 -6.85 -25.77 4.34
N VAL A 33 -5.90 -25.16 3.61
CA VAL A 33 -4.49 -25.32 3.89
C VAL A 33 -4.15 -24.54 5.15
N LYS A 34 -3.64 -25.20 6.21
CA LYS A 34 -3.39 -24.54 7.48
C LYS A 34 -1.89 -24.48 7.84
N ALA A 35 -1.03 -25.11 7.05
CA ALA A 35 0.39 -25.12 7.29
C ALA A 35 1.13 -25.32 5.96
N LEU A 36 2.39 -24.91 5.95
CA LEU A 36 3.31 -25.26 4.88
C LEU A 36 3.24 -26.78 4.59
N PRO A 37 3.04 -27.23 3.32
CA PRO A 37 3.34 -28.63 2.96
C PRO A 37 4.78 -28.99 3.30
N SER A 38 4.99 -30.21 3.82
CA SER A 38 6.32 -30.75 4.06
C SER A 38 7.17 -30.65 2.81
N GLN A 39 6.54 -30.96 1.66
CA GLN A 39 7.22 -30.96 0.39
C GLN A 39 6.55 -30.02 -0.60
N GLY A 40 7.38 -29.13 -1.14
CA GLY A 40 6.94 -28.19 -2.14
C GLY A 40 6.25 -28.91 -3.28
N LEU A 41 5.24 -28.26 -3.85
CA LEU A 41 4.54 -28.67 -5.05
C LEU A 41 5.31 -28.13 -6.24
N SER A 42 5.28 -28.89 -7.33
CA SER A 42 5.74 -28.43 -8.63
C SER A 42 4.86 -27.26 -9.13
N SER A 43 5.43 -26.47 -10.05
CA SER A 43 4.74 -25.34 -10.68
C SER A 43 3.35 -25.74 -11.14
N SER A 44 3.29 -26.80 -11.96
CA SER A 44 2.05 -27.22 -12.57
C SER A 44 1.04 -27.55 -11.48
N ALA A 45 1.50 -28.24 -10.44
CA ALA A 45 0.66 -28.66 -9.33
C ALA A 45 0.10 -27.46 -8.56
N VAL A 46 0.98 -26.47 -8.29
CA VAL A 46 0.55 -25.19 -7.72
C VAL A 46 -0.56 -24.54 -8.54
N LEU A 47 -0.37 -24.47 -9.87
CA LEU A 47 -1.31 -23.79 -10.76
C LEU A 47 -2.64 -24.54 -10.86
N GLU A 48 -2.55 -25.87 -10.97
CA GLU A 48 -3.73 -26.73 -10.96
C GLU A 48 -4.52 -26.51 -9.67
N LYS A 49 -3.86 -26.53 -8.51
CA LYS A 49 -4.55 -26.24 -7.26
C LYS A 49 -5.20 -24.85 -7.28
N LEU A 50 -4.50 -23.83 -7.81
CA LEU A 50 -5.05 -22.47 -7.80
C LEU A 50 -6.34 -22.34 -8.62
N LYS A 51 -6.52 -23.18 -9.66
CA LYS A 51 -7.77 -23.14 -10.44
C LYS A 51 -8.97 -23.38 -9.52
N GLU A 52 -8.78 -24.14 -8.44
CA GLU A 52 -9.85 -24.34 -7.49
C GLU A 52 -10.35 -22.99 -6.96
N TYR A 53 -9.45 -22.03 -6.74
CA TYR A 53 -9.81 -20.77 -6.08
C TYR A 53 -10.43 -19.78 -7.07
N SER A 54 -10.19 -19.98 -8.38
CA SER A 54 -10.63 -19.04 -9.39
C SER A 54 -11.91 -19.50 -10.08
N SER A 55 -12.70 -20.37 -9.43
CA SER A 55 -13.86 -20.94 -10.08
C SER A 55 -15.16 -20.14 -9.86
N MET A 56 -15.10 -18.84 -9.53
CA MET A 56 -16.31 -18.05 -9.31
C MET A 56 -16.36 -16.79 -10.19
N ASP A 57 -15.38 -16.67 -11.10
CA ASP A 57 -15.14 -15.47 -11.88
C ASP A 57 -16.21 -15.23 -12.94
N ALA A 58 -16.94 -16.28 -13.35
CA ALA A 58 -18.04 -16.13 -14.32
C ALA A 58 -19.00 -15.02 -13.87
N PHE A 59 -19.16 -14.80 -12.56
CA PHE A 59 -20.07 -13.76 -12.11
C PHE A 59 -19.66 -12.38 -12.64
N TRP A 60 -18.39 -12.02 -12.36
CA TRP A 60 -17.93 -10.71 -12.77
C TRP A 60 -17.73 -10.72 -14.29
N GLN A 61 -17.28 -11.86 -14.79
CA GLN A 61 -16.91 -12.03 -16.19
C GLN A 61 -18.14 -11.83 -17.07
N GLU A 62 -19.31 -12.29 -16.60
CA GLU A 62 -20.59 -12.15 -17.30
C GLU A 62 -21.12 -10.71 -17.23
N GLY A 63 -20.52 -9.85 -16.41
CA GLY A 63 -20.91 -8.45 -16.35
C GLY A 63 -22.01 -8.16 -15.33
N ARG A 64 -22.05 -8.92 -14.23
CA ARG A 64 -23.17 -8.85 -13.30
C ARG A 64 -22.81 -8.09 -12.03
N ALA A 65 -21.55 -7.61 -11.95
CA ALA A 65 -21.04 -6.95 -10.76
C ALA A 65 -20.96 -5.44 -10.98
N SER A 66 -21.53 -4.67 -10.04
CA SER A 66 -21.34 -3.23 -10.00
C SER A 66 -19.85 -2.88 -9.85
N GLY A 67 -19.33 -1.98 -10.70
CA GLY A 67 -17.92 -1.59 -10.65
C GLY A 67 -17.01 -2.80 -10.60
N THR A 68 -16.03 -2.78 -9.69
CA THR A 68 -15.24 -3.94 -9.26
C THR A 68 -14.18 -4.34 -10.28
N VAL A 69 -14.60 -4.60 -11.53
CA VAL A 69 -13.70 -4.89 -12.65
C VAL A 69 -14.09 -3.95 -13.79
N TYR A 70 -13.11 -3.16 -14.26
CA TYR A 70 -13.39 -1.98 -15.08
C TYR A 70 -13.27 -2.28 -16.60
N SER A 71 -12.39 -3.23 -16.97
CA SER A 71 -12.40 -3.82 -18.30
C SER A 71 -12.51 -5.35 -18.27
N GLY A 72 -11.49 -6.02 -17.72
CA GLY A 72 -11.47 -7.47 -17.63
C GLY A 72 -11.08 -8.12 -18.96
N GLU A 73 -10.75 -7.31 -19.97
CA GLU A 73 -10.67 -7.78 -21.34
C GLU A 73 -9.39 -8.59 -21.52
N GLU A 74 -9.56 -9.77 -22.13
CA GLU A 74 -8.58 -10.82 -22.27
C GLU A 74 -7.23 -10.30 -22.80
N LYS A 75 -7.25 -9.62 -23.96
CA LYS A 75 -6.02 -9.19 -24.61
C LYS A 75 -5.34 -8.11 -23.76
N LEU A 76 -6.15 -7.19 -23.20
CA LEU A 76 -5.64 -6.18 -22.28
C LEU A 76 -4.95 -6.84 -21.08
N THR A 77 -5.58 -7.87 -20.52
CA THR A 77 -5.00 -8.62 -19.42
C THR A 77 -3.66 -9.24 -19.78
N GLU A 78 -3.60 -9.92 -20.94
CA GLU A 78 -2.33 -10.50 -21.39
C GLU A 78 -1.22 -9.46 -21.46
N LEU A 79 -1.54 -8.27 -22.01
CA LEU A 79 -0.57 -7.18 -22.12
C LEU A 79 -0.10 -6.71 -20.74
N LEU A 80 -1.06 -6.47 -19.83
CA LEU A 80 -0.74 -5.91 -18.51
C LEU A 80 0.07 -6.93 -17.69
N VAL A 81 -0.25 -8.23 -17.83
CA VAL A 81 0.47 -9.26 -17.08
C VAL A 81 1.91 -9.41 -17.60
N LYS A 82 2.07 -9.36 -18.92
CA LYS A 82 3.41 -9.30 -19.50
C LYS A 82 4.17 -8.06 -19.02
N ALA A 83 3.53 -6.88 -19.03
CA ALA A 83 4.22 -5.69 -18.58
C ALA A 83 4.67 -5.88 -17.13
N TYR A 84 3.76 -6.33 -16.27
CA TYR A 84 4.11 -6.65 -14.87
C TYR A 84 5.31 -7.60 -14.78
N GLY A 85 5.24 -8.67 -15.60
CA GLY A 85 6.25 -9.72 -15.64
C GLY A 85 7.64 -9.21 -15.95
N ASP A 86 7.76 -8.27 -16.90
CA ASP A 86 9.01 -7.62 -17.20
C ASP A 86 9.58 -6.82 -16.04
N PHE A 87 8.74 -6.41 -15.06
CA PHE A 87 9.21 -5.59 -13.95
C PHE A 87 8.94 -6.24 -12.58
N ALA A 88 8.70 -7.56 -12.60
CA ALA A 88 8.27 -8.35 -11.45
C ALA A 88 9.10 -8.07 -10.19
N TRP A 89 10.44 -7.94 -10.31
CA TRP A 89 11.32 -7.84 -9.15
C TRP A 89 11.75 -6.40 -8.93
N SER A 90 11.19 -5.49 -9.72
CA SER A 90 11.54 -4.08 -9.56
C SER A 90 10.88 -3.54 -8.29
N ASN A 91 11.62 -2.66 -7.62
CA ASN A 91 11.22 -2.08 -6.36
C ASN A 91 11.72 -0.64 -6.34
N PRO A 92 10.80 0.35 -6.42
CA PRO A 92 11.19 1.76 -6.54
C PRO A 92 11.85 2.40 -5.32
N LEU A 93 12.01 1.64 -4.22
CA LEU A 93 12.88 1.98 -3.11
C LEU A 93 14.34 2.02 -3.59
N HIS A 94 14.65 1.36 -4.71
CA HIS A 94 16.01 1.25 -5.21
C HIS A 94 16.13 1.84 -6.62
N PRO A 95 16.00 3.16 -6.77
CA PRO A 95 16.08 3.80 -8.09
C PRO A 95 17.39 3.60 -8.84
N ASP A 96 18.48 3.42 -8.06
CA ASP A 96 19.81 3.21 -8.59
C ASP A 96 19.89 1.83 -9.26
N ILE A 97 19.08 0.86 -8.77
CA ILE A 97 19.07 -0.50 -9.29
C ILE A 97 18.06 -0.64 -10.42
N PHE A 98 16.93 0.06 -10.28
CA PHE A 98 15.84 0.04 -11.26
C PHE A 98 15.55 1.44 -11.83
N PRO A 99 16.55 2.08 -12.49
CA PRO A 99 16.31 3.41 -13.07
C PRO A 99 15.19 3.48 -14.12
N GLY A 100 14.85 2.32 -14.68
CA GLY A 100 13.80 2.18 -15.68
C GLY A 100 12.42 2.35 -15.06
N LEU A 101 12.24 1.78 -13.87
CA LEU A 101 10.99 1.91 -13.16
C LEU A 101 10.83 3.35 -12.70
N ARG A 102 11.97 3.93 -12.27
CA ARG A 102 11.96 5.29 -11.79
C ARG A 102 11.39 6.22 -12.85
N LYS A 103 11.95 6.09 -14.07
CA LYS A 103 11.52 6.85 -15.23
C LYS A 103 10.03 6.61 -15.48
N ILE A 104 9.65 5.33 -15.49
CA ILE A 104 8.25 4.95 -15.69
C ILE A 104 7.34 5.74 -14.72
N GLU A 105 7.71 5.79 -13.43
CA GLU A 105 6.82 6.42 -12.47
C GLU A 105 6.78 7.95 -12.62
N ALA A 106 7.93 8.54 -12.95
CA ALA A 106 7.98 9.97 -13.22
C ALA A 106 7.02 10.32 -14.38
N GLU A 107 7.00 9.42 -15.37
CA GLU A 107 6.21 9.60 -16.57
C GLU A 107 4.70 9.45 -16.25
N ILE A 108 4.33 8.43 -15.47
CA ILE A 108 2.92 8.27 -15.11
C ILE A 108 2.40 9.55 -14.44
N VAL A 109 3.22 10.13 -13.54
CA VAL A 109 2.84 11.33 -12.80
C VAL A 109 2.73 12.53 -13.75
N ARG A 110 3.71 12.70 -14.65
CA ARG A 110 3.68 13.81 -15.60
C ARG A 110 2.49 13.71 -16.55
N ILE A 111 2.23 12.50 -17.07
CA ILE A 111 1.04 12.30 -17.91
C ILE A 111 -0.24 12.74 -17.18
N ALA A 112 -0.39 12.27 -15.94
CA ALA A 112 -1.59 12.57 -15.17
C ALA A 112 -1.70 14.08 -14.89
N CYS A 113 -0.55 14.72 -14.58
CA CYS A 113 -0.55 16.17 -14.37
C CYS A 113 -1.06 16.93 -15.61
N SER A 114 -0.64 16.46 -16.82
CA SER A 114 -1.10 17.03 -18.08
C SER A 114 -2.61 16.85 -18.25
N LEU A 115 -3.12 15.63 -18.02
CA LEU A 115 -4.54 15.35 -18.10
C LEU A 115 -5.38 16.30 -17.23
N PHE A 116 -4.84 16.75 -16.08
CA PHE A 116 -5.54 17.66 -15.19
C PHE A 116 -5.06 19.10 -15.34
N ASN A 117 -4.29 19.31 -16.42
CA ASN A 117 -3.89 20.64 -16.82
C ASN A 117 -3.20 21.35 -15.67
N GLY A 118 -2.26 20.65 -15.05
CA GLY A 118 -1.55 21.23 -13.92
C GLY A 118 -0.44 22.19 -14.34
N GLY A 119 0.19 21.96 -15.49
CA GLY A 119 1.30 22.80 -15.91
C GLY A 119 2.58 22.46 -15.16
N PRO A 120 3.71 23.14 -15.50
CA PRO A 120 5.03 22.74 -15.03
C PRO A 120 5.27 22.68 -13.52
N ASP A 121 4.53 23.49 -12.73
CA ASP A 121 4.70 23.51 -11.28
C ASP A 121 3.92 22.40 -10.58
N SER A 122 3.00 21.75 -11.29
CA SER A 122 2.27 20.64 -10.70
C SER A 122 3.18 19.41 -10.64
N CYS A 123 2.88 18.50 -9.71
CA CYS A 123 3.71 17.34 -9.41
C CYS A 123 2.82 16.28 -8.75
N GLY A 124 3.33 15.10 -8.42
CA GLY A 124 2.46 14.03 -7.96
C GLY A 124 3.25 12.80 -7.55
N CYS A 125 2.57 11.78 -7.05
CA CYS A 125 3.18 10.50 -6.67
C CYS A 125 2.25 9.38 -7.12
N VAL A 126 2.87 8.25 -7.52
CA VAL A 126 2.17 6.99 -7.74
C VAL A 126 1.91 6.40 -6.36
N THR A 127 0.67 5.96 -6.11
CA THR A 127 0.29 5.31 -4.86
C THR A 127 -0.36 3.97 -5.18
N SER A 128 -0.72 3.22 -4.11
CA SER A 128 -1.21 1.86 -4.16
C SER A 128 -2.69 1.81 -4.45
N GLY A 129 -3.38 2.95 -4.37
CA GLY A 129 -4.81 3.05 -4.55
C GLY A 129 -5.34 4.38 -4.00
N GLY A 130 -6.63 4.62 -4.20
CA GLY A 130 -7.24 5.90 -3.88
C GLY A 130 -7.17 6.25 -2.40
N THR A 131 -7.30 5.23 -1.55
CA THR A 131 -7.21 5.42 -0.12
C THR A 131 -5.87 6.07 0.20
N GLU A 132 -4.76 5.52 -0.36
CA GLU A 132 -3.44 6.04 -0.03
C GLU A 132 -3.27 7.45 -0.59
N SER A 133 -3.81 7.70 -1.79
CA SER A 133 -3.85 9.05 -2.34
C SER A 133 -4.54 10.02 -1.39
N ILE A 134 -5.75 9.68 -0.95
CA ILE A 134 -6.46 10.54 0.01
C ILE A 134 -5.64 10.72 1.29
N LEU A 135 -5.08 9.62 1.83
CA LEU A 135 -4.38 9.64 3.09
C LEU A 135 -3.18 10.58 3.01
N MET A 136 -2.44 10.46 1.89
CA MET A 136 -1.26 11.26 1.67
C MET A 136 -1.59 12.75 1.63
N ALA A 137 -2.58 13.16 0.82
CA ALA A 137 -2.95 14.57 0.81
C ALA A 137 -3.40 15.09 2.20
N CYS A 138 -4.22 14.29 2.91
CA CYS A 138 -4.65 14.67 4.25
C CYS A 138 -3.45 14.87 5.16
N LYS A 139 -2.48 13.94 5.08
CA LYS A 139 -1.29 14.00 5.93
C LYS A 139 -0.46 15.24 5.55
N ALA A 140 -0.35 15.52 4.25
CA ALA A 140 0.30 16.73 3.79
C ALA A 140 -0.35 17.94 4.45
N TYR A 141 -1.69 17.98 4.40
CA TYR A 141 -2.33 19.19 4.85
C TYR A 141 -2.26 19.35 6.37
N ARG A 142 -2.37 18.22 7.10
CA ARG A 142 -2.17 18.18 8.55
C ARG A 142 -0.84 18.83 9.00
N ASP A 143 0.25 18.37 8.38
CA ASP A 143 1.60 18.81 8.72
C ASP A 143 1.75 20.28 8.38
N LEU A 144 1.11 20.74 7.31
CA LEU A 144 1.21 22.16 6.99
C LEU A 144 0.45 22.98 8.04
N ALA A 145 -0.69 22.45 8.52
CA ALA A 145 -1.44 23.11 9.57
C ALA A 145 -0.65 23.12 10.89
N PHE A 146 0.08 22.01 11.17
CA PHE A 146 0.94 21.95 12.37
C PHE A 146 1.93 23.10 12.30
N GLU A 147 2.47 23.30 11.08
CA GLU A 147 3.47 24.32 10.85
C GLU A 147 2.91 25.71 11.22
N LYS A 148 1.59 25.91 11.12
CA LYS A 148 0.97 27.19 11.43
C LYS A 148 0.39 27.16 12.84
N GLY A 149 0.86 26.24 13.68
CA GLY A 149 0.50 26.18 15.09
C GLY A 149 -0.86 25.56 15.40
N ILE A 150 -1.51 24.87 14.43
CA ILE A 150 -2.83 24.32 14.71
C ILE A 150 -2.68 22.96 15.36
N LYS A 151 -3.32 22.75 16.52
CA LYS A 151 -3.06 21.58 17.34
C LYS A 151 -3.84 20.37 16.81
N THR A 152 -5.15 20.52 16.52
CA THR A 152 -5.94 19.43 15.97
C THR A 152 -6.57 19.86 14.64
N PRO A 153 -5.84 19.70 13.52
CA PRO A 153 -6.34 20.05 12.18
C PRO A 153 -7.68 19.41 11.84
N GLU A 154 -8.58 20.19 11.18
N GLU A 154 -8.56 20.17 11.16
CA GLU A 154 -9.89 19.72 10.81
CA GLU A 154 -9.89 19.66 10.82
C GLU A 154 -9.98 19.58 9.29
C GLU A 154 -10.04 19.60 9.30
N ILE A 155 -10.59 18.47 8.84
CA ILE A 155 -11.00 18.26 7.46
C ILE A 155 -12.47 18.68 7.33
N VAL A 156 -12.77 19.57 6.36
CA VAL A 156 -14.15 19.95 6.11
C VAL A 156 -14.61 19.28 4.80
N ALA A 157 -15.58 18.37 4.95
CA ALA A 157 -15.92 17.44 3.88
C ALA A 157 -17.42 17.34 3.75
N PRO A 158 -17.96 17.07 2.54
CA PRO A 158 -19.37 16.74 2.43
C PRO A 158 -19.64 15.38 3.07
N GLN A 159 -20.90 15.20 3.47
CA GLN A 159 -21.36 13.92 4.02
C GLN A 159 -21.05 12.76 3.07
N SER A 160 -21.04 13.01 1.75
CA SER A 160 -20.83 12.00 0.72
C SER A 160 -19.35 11.65 0.49
N ALA A 161 -18.40 12.42 1.06
CA ALA A 161 -16.99 12.17 0.81
C ALA A 161 -16.65 10.74 1.25
N HIS A 162 -15.63 10.13 0.62
CA HIS A 162 -15.33 8.71 0.82
C HIS A 162 -14.94 8.45 2.26
N ALA A 163 -15.23 7.26 2.77
CA ALA A 163 -14.81 6.81 4.10
C ALA A 163 -13.32 7.06 4.35
N ALA A 164 -12.48 7.07 3.30
CA ALA A 164 -11.03 7.19 3.44
C ALA A 164 -10.65 8.49 4.19
N PHE A 165 -11.55 9.50 4.13
CA PHE A 165 -11.36 10.75 4.85
C PHE A 165 -11.56 10.56 6.36
N ASN A 166 -12.41 9.59 6.75
CA ASN A 166 -12.56 9.24 8.16
C ASN A 166 -11.38 8.40 8.66
N LYS A 167 -10.84 7.54 7.78
CA LYS A 167 -9.60 6.81 8.08
C LYS A 167 -8.49 7.82 8.29
N ALA A 168 -8.34 8.77 7.34
CA ALA A 168 -7.34 9.80 7.48
C ALA A 168 -7.43 10.47 8.86
N ALA A 169 -8.66 10.82 9.27
CA ALA A 169 -8.86 11.52 10.53
C ALA A 169 -8.44 10.66 11.71
N SER A 170 -8.90 9.40 11.70
CA SER A 170 -8.60 8.43 12.75
C SER A 170 -7.10 8.16 12.88
N TYR A 171 -6.47 7.78 11.77
CA TYR A 171 -5.04 7.55 11.74
C TYR A 171 -4.26 8.78 12.18
N PHE A 172 -4.49 9.94 11.54
CA PHE A 172 -3.55 11.03 11.64
C PHE A 172 -3.92 12.07 12.70
N GLY A 173 -5.03 11.87 13.42
CA GLY A 173 -5.37 12.73 14.56
C GLY A 173 -5.95 14.05 14.11
N MET A 174 -6.85 13.97 13.13
N MET A 174 -6.85 13.98 13.12
CA MET A 174 -7.53 15.14 12.60
CA MET A 174 -7.53 15.13 12.58
C MET A 174 -9.00 15.00 12.93
C MET A 174 -9.00 15.00 12.93
N LYS A 175 -9.72 16.13 13.01
CA LYS A 175 -11.16 16.11 13.23
C LYS A 175 -11.84 16.18 11.87
N ILE A 176 -12.85 15.35 11.60
CA ILE A 176 -13.56 15.44 10.34
C ILE A 176 -14.93 16.07 10.58
N VAL A 177 -15.22 17.15 9.85
CA VAL A 177 -16.53 17.77 9.85
C VAL A 177 -17.22 17.52 8.52
N ARG A 178 -18.32 16.75 8.59
CA ARG A 178 -19.11 16.35 7.43
C ARG A 178 -20.31 17.28 7.37
N VAL A 179 -20.46 17.95 6.23
CA VAL A 179 -21.52 18.92 6.01
C VAL A 179 -22.59 18.32 5.09
N PRO A 180 -23.88 18.69 5.35
CA PRO A 180 -25.02 18.12 4.63
C PRO A 180 -25.03 18.45 3.15
N LEU A 181 -25.83 17.67 2.42
CA LEU A 181 -26.04 17.84 0.98
C LEU A 181 -27.32 18.61 0.70
N THR A 182 -27.46 19.05 -0.56
CA THR A 182 -28.67 19.62 -1.14
C THR A 182 -29.53 18.45 -1.59
N LYS A 183 -30.79 18.73 -1.99
CA LYS A 183 -31.71 17.72 -2.53
C LYS A 183 -31.12 17.07 -3.78
N MET A 184 -30.13 17.71 -4.41
CA MET A 184 -29.48 17.17 -5.61
C MET A 184 -28.23 16.34 -5.24
N MET A 185 -27.97 16.21 -3.94
CA MET A 185 -26.90 15.38 -3.38
C MET A 185 -25.52 16.02 -3.59
N GLU A 186 -25.49 17.32 -3.95
CA GLU A 186 -24.26 18.12 -3.96
C GLU A 186 -24.04 18.68 -2.56
N VAL A 187 -22.80 19.03 -2.21
CA VAL A 187 -22.51 19.59 -0.91
C VAL A 187 -23.25 20.92 -0.81
N ASP A 188 -23.77 21.22 0.39
CA ASP A 188 -24.34 22.54 0.64
C ASP A 188 -23.19 23.51 0.95
N VAL A 189 -22.95 24.47 0.05
CA VAL A 189 -21.75 25.31 0.13
C VAL A 189 -21.86 26.34 1.25
N ARG A 190 -23.08 26.83 1.53
CA ARG A 190 -23.35 27.71 2.66
C ARG A 190 -23.07 26.99 3.99
N ALA A 191 -23.51 25.73 4.08
CA ALA A 191 -23.26 24.90 5.25
C ALA A 191 -21.76 24.65 5.41
N MET A 192 -21.08 24.47 4.27
CA MET A 192 -19.64 24.24 4.26
C MET A 192 -18.91 25.47 4.78
N ARG A 193 -19.36 26.69 4.43
CA ARG A 193 -18.69 27.90 4.92
C ARG A 193 -18.83 28.03 6.43
N ARG A 194 -20.03 27.68 6.93
CA ARG A 194 -20.31 27.75 8.35
C ARG A 194 -19.48 26.72 9.12
N ALA A 195 -19.06 25.65 8.46
CA ALA A 195 -18.24 24.62 9.11
C ALA A 195 -16.77 25.00 9.21
N ILE A 196 -16.34 26.12 8.61
CA ILE A 196 -14.94 26.49 8.61
C ILE A 196 -14.61 27.18 9.94
N SER A 197 -13.41 26.90 10.45
CA SER A 197 -12.95 27.40 11.74
C SER A 197 -11.47 27.72 11.64
N ARG A 198 -10.90 28.29 12.71
CA ARG A 198 -9.47 28.57 12.73
C ARG A 198 -8.67 27.27 12.60
N ASN A 199 -9.29 26.11 12.81
CA ASN A 199 -8.52 24.87 12.80
C ASN A 199 -8.59 24.13 11.47
N THR A 200 -9.34 24.66 10.49
CA THR A 200 -9.54 23.95 9.23
C THR A 200 -8.22 23.81 8.48
N ALA A 201 -7.84 22.58 8.12
CA ALA A 201 -6.61 22.27 7.38
C ALA A 201 -6.89 22.06 5.88
N MET A 202 -8.07 21.53 5.53
CA MET A 202 -8.42 21.27 4.14
C MET A 202 -9.94 21.27 3.94
N LEU A 203 -10.34 21.67 2.71
CA LEU A 203 -11.67 21.43 2.17
C LEU A 203 -11.59 20.25 1.18
N VAL A 204 -12.73 19.57 1.05
CA VAL A 204 -12.84 18.41 0.18
C VAL A 204 -14.03 18.62 -0.74
N CYS A 205 -13.88 18.22 -2.01
CA CYS A 205 -15.08 17.78 -2.73
C CYS A 205 -14.75 16.63 -3.68
N SER A 206 -15.79 16.02 -4.27
CA SER A 206 -15.67 14.79 -5.04
C SER A 206 -16.26 14.99 -6.45
N THR A 207 -15.60 14.33 -7.43
CA THR A 207 -15.92 14.43 -8.85
C THR A 207 -15.87 13.07 -9.53
N PRO A 208 -16.87 12.18 -9.31
CA PRO A 208 -17.99 12.45 -8.41
C PRO A 208 -17.81 11.79 -7.05
N GLN A 209 -18.77 12.08 -6.17
CA GLN A 209 -18.92 11.29 -4.96
C GLN A 209 -19.47 9.90 -5.32
N PHE A 210 -19.05 8.88 -4.55
CA PHE A 210 -19.22 7.47 -4.88
C PHE A 210 -20.68 7.01 -4.70
N PRO A 211 -21.38 7.38 -3.59
CA PRO A 211 -22.74 6.91 -3.36
C PRO A 211 -23.74 7.19 -4.47
N HIS A 212 -23.91 8.46 -4.85
CA HIS A 212 -24.94 8.89 -5.81
C HIS A 212 -24.34 9.25 -7.18
N GLY A 213 -23.00 9.41 -7.27
CA GLY A 213 -22.33 9.65 -8.54
C GLY A 213 -22.50 11.08 -9.03
N VAL A 214 -22.78 11.98 -8.07
CA VAL A 214 -22.98 13.41 -8.26
C VAL A 214 -21.62 14.10 -8.12
N ILE A 215 -21.39 15.11 -8.98
CA ILE A 215 -20.16 15.89 -8.96
C ILE A 215 -20.40 17.11 -8.09
N ASP A 216 -19.51 17.37 -7.12
CA ASP A 216 -19.68 18.56 -6.29
C ASP A 216 -19.33 19.81 -7.13
N PRO A 217 -19.90 20.99 -6.80
CA PRO A 217 -19.61 22.23 -7.55
C PRO A 217 -18.26 22.85 -7.17
N VAL A 218 -17.23 22.32 -7.83
CA VAL A 218 -15.84 22.58 -7.50
C VAL A 218 -15.59 24.08 -7.47
N PRO A 219 -16.01 24.86 -8.51
CA PRO A 219 -15.79 26.29 -8.49
C PRO A 219 -16.31 26.91 -7.20
N GLU A 220 -17.50 26.52 -6.73
CA GLU A 220 -18.07 27.19 -5.58
C GLU A 220 -17.26 26.89 -4.33
N VAL A 221 -16.73 25.66 -4.20
CA VAL A 221 -15.92 25.28 -3.04
C VAL A 221 -14.55 25.96 -3.13
N ALA A 222 -14.00 26.05 -4.34
CA ALA A 222 -12.71 26.74 -4.55
C ALA A 222 -12.79 28.22 -4.16
N LYS A 223 -13.96 28.86 -4.31
CA LYS A 223 -14.16 30.22 -3.83
C LYS A 223 -13.84 30.34 -2.34
N LEU A 224 -14.31 29.37 -1.55
CA LEU A 224 -14.13 29.39 -0.10
C LEU A 224 -12.66 29.16 0.24
N ALA A 225 -12.04 28.24 -0.52
CA ALA A 225 -10.65 27.86 -0.35
C ALA A 225 -9.76 29.10 -0.53
N VAL A 226 -10.02 29.82 -1.61
CA VAL A 226 -9.29 31.03 -1.88
C VAL A 226 -9.63 32.09 -0.84
N LYS A 227 -10.94 32.36 -0.59
CA LYS A 227 -11.27 33.43 0.34
C LYS A 227 -10.60 33.16 1.69
N TYR A 228 -10.69 31.96 2.26
CA TYR A 228 -10.21 31.72 3.62
C TYR A 228 -8.81 31.09 3.64
N LYS A 229 -8.17 31.01 2.47
CA LYS A 229 -6.82 30.51 2.36
C LYS A 229 -6.73 29.12 2.97
N ILE A 230 -7.58 28.21 2.47
CA ILE A 230 -7.56 26.80 2.88
C ILE A 230 -7.26 25.93 1.67
N PRO A 231 -6.37 24.92 1.78
CA PRO A 231 -6.19 23.93 0.71
C PRO A 231 -7.47 23.18 0.41
N LEU A 232 -7.60 22.77 -0.85
CA LEU A 232 -8.76 22.07 -1.35
C LEU A 232 -8.27 20.83 -2.10
N HIS A 233 -8.80 19.68 -1.66
CA HIS A 233 -8.53 18.41 -2.29
C HIS A 233 -9.74 17.95 -3.07
N VAL A 234 -9.53 17.65 -4.35
CA VAL A 234 -10.60 17.12 -5.20
C VAL A 234 -10.41 15.63 -5.30
N ASP A 235 -11.40 14.88 -4.80
CA ASP A 235 -11.44 13.43 -4.89
C ASP A 235 -12.00 13.02 -6.23
N ALA A 236 -11.08 12.76 -7.17
CA ALA A 236 -11.43 12.29 -8.49
C ALA A 236 -11.01 10.82 -8.67
N CYS A 237 -10.95 10.05 -7.57
CA CYS A 237 -10.53 8.64 -7.61
C CYS A 237 -11.34 7.81 -8.61
N LEU A 238 -12.66 7.95 -8.54
CA LEU A 238 -13.61 7.24 -9.41
C LEU A 238 -13.72 7.92 -10.78
N GLY A 239 -13.93 9.24 -10.78
CA GLY A 239 -14.29 9.99 -11.98
C GLY A 239 -13.10 10.31 -12.87
N GLY A 240 -11.89 10.26 -12.31
CA GLY A 240 -10.67 10.78 -12.92
C GLY A 240 -10.51 10.51 -14.42
N PHE A 241 -10.51 9.22 -14.79
CA PHE A 241 -10.23 8.80 -16.15
C PHE A 241 -11.53 8.68 -16.94
N LEU A 242 -12.60 9.33 -16.45
CA LEU A 242 -13.73 9.73 -17.30
C LEU A 242 -13.78 11.23 -17.53
N ILE A 243 -13.84 11.98 -16.42
CA ILE A 243 -14.08 13.41 -16.42
C ILE A 243 -13.08 14.14 -17.29
N VAL A 244 -11.83 13.68 -17.36
CA VAL A 244 -10.82 14.41 -18.14
C VAL A 244 -11.10 14.27 -19.64
N PHE A 245 -11.91 13.27 -20.05
CA PHE A 245 -12.18 13.01 -21.47
C PHE A 245 -13.59 13.37 -21.91
N MET A 246 -14.42 13.87 -20.98
CA MET A 246 -15.85 14.02 -21.23
C MET A 246 -16.13 15.00 -22.36
N GLU A 247 -15.47 16.15 -22.30
CA GLU A 247 -15.65 17.14 -23.34
C GLU A 247 -15.32 16.56 -24.72
N LYS A 248 -14.17 15.85 -24.81
CA LYS A 248 -13.75 15.29 -26.08
C LYS A 248 -14.64 14.11 -26.48
N ALA A 249 -15.34 13.50 -25.51
CA ALA A 249 -16.27 12.42 -25.80
C ALA A 249 -17.58 12.98 -26.32
N GLY A 250 -17.74 14.31 -26.18
CA GLY A 250 -18.93 15.02 -26.62
C GLY A 250 -19.97 15.15 -25.50
N TYR A 251 -19.54 14.99 -24.24
CA TYR A 251 -20.49 15.10 -23.13
C TYR A 251 -19.93 16.11 -22.15
N PRO A 252 -19.92 17.42 -22.49
CA PRO A 252 -19.37 18.44 -21.60
C PRO A 252 -20.07 18.46 -20.22
N LEU A 253 -19.26 18.59 -19.17
CA LEU A 253 -19.78 18.63 -17.81
C LEU A 253 -20.17 20.07 -17.46
N GLU A 254 -20.97 20.21 -16.40
CA GLU A 254 -21.48 21.49 -15.95
C GLU A 254 -20.37 22.28 -15.26
N HIS A 255 -19.47 21.61 -14.55
CA HIS A 255 -18.47 22.32 -13.77
C HIS A 255 -17.08 21.92 -14.23
N PRO A 256 -16.09 22.84 -14.15
CA PRO A 256 -14.67 22.47 -14.21
C PRO A 256 -14.21 21.88 -12.88
N PHE A 257 -13.12 21.11 -12.91
CA PHE A 257 -12.78 20.22 -11.81
C PHE A 257 -11.25 20.14 -11.60
N ASP A 258 -10.41 20.67 -12.53
CA ASP A 258 -8.98 20.35 -12.53
C ASP A 258 -8.16 21.53 -11.99
N PHE A 259 -6.82 21.49 -12.20
CA PHE A 259 -5.93 22.49 -11.62
C PHE A 259 -6.17 23.88 -12.20
N ARG A 260 -6.91 23.97 -13.31
CA ARG A 260 -7.21 25.28 -13.86
C ARG A 260 -8.14 26.04 -12.92
N VAL A 261 -8.85 25.34 -12.02
CA VAL A 261 -9.70 26.01 -11.05
C VAL A 261 -8.84 26.58 -9.91
N LYS A 262 -8.86 27.89 -9.73
CA LYS A 262 -8.01 28.54 -8.71
C LYS A 262 -8.42 28.11 -7.31
N GLY A 263 -7.45 27.62 -6.53
CA GLY A 263 -7.69 27.14 -5.18
C GLY A 263 -7.59 25.62 -5.04
N VAL A 264 -7.76 24.86 -6.14
CA VAL A 264 -7.52 23.41 -6.09
C VAL A 264 -6.03 23.15 -5.89
N THR A 265 -5.65 22.56 -4.75
CA THR A 265 -4.27 22.36 -4.39
C THR A 265 -3.88 20.89 -4.55
N SER A 266 -4.86 19.98 -4.56
CA SER A 266 -4.55 18.61 -4.92
C SER A 266 -5.74 17.85 -5.48
N ILE A 267 -5.38 16.75 -6.18
CA ILE A 267 -6.31 15.86 -6.85
C ILE A 267 -5.87 14.42 -6.59
N SER A 268 -6.82 13.53 -6.21
CA SER A 268 -6.58 12.08 -6.28
C SER A 268 -7.34 11.47 -7.48
N ALA A 269 -6.68 10.51 -8.18
CA ALA A 269 -7.26 9.88 -9.36
C ALA A 269 -6.78 8.43 -9.46
N ASP A 270 -7.73 7.46 -9.63
CA ASP A 270 -7.42 6.04 -9.65
C ASP A 270 -7.32 5.50 -11.08
N THR A 271 -6.07 5.25 -11.49
CA THR A 271 -5.73 4.57 -12.71
C THR A 271 -6.32 3.15 -12.72
N HIS A 272 -6.43 2.52 -11.52
CA HIS A 272 -7.00 1.19 -11.38
C HIS A 272 -8.54 1.20 -11.48
N TYR A 274 -10.92 3.80 -14.01
CA TYR A 274 -11.19 4.03 -15.43
C TYR A 274 -9.91 4.26 -16.24
N GLY A 275 -8.73 4.05 -15.61
CA GLY A 275 -7.46 3.94 -16.33
C GLY A 275 -7.30 2.56 -16.98
N TYR A 276 -8.08 1.60 -16.47
CA TYR A 276 -8.03 0.18 -16.81
C TYR A 276 -6.66 -0.39 -16.47
N ALA A 277 -6.07 0.16 -15.40
CA ALA A 277 -4.77 -0.27 -14.92
C ALA A 277 -4.97 -1.41 -13.93
N PRO A 278 -3.93 -2.22 -13.65
CA PRO A 278 -4.08 -3.26 -12.65
C PRO A 278 -4.39 -2.65 -11.29
N LYS A 279 -5.09 -3.41 -10.46
CA LYS A 279 -5.26 -3.08 -9.05
C LYS A 279 -3.91 -2.87 -8.39
N GLY A 280 -3.80 -1.82 -7.58
CA GLY A 280 -2.57 -1.46 -6.91
C GLY A 280 -2.00 -0.13 -7.38
N SER A 281 -2.83 0.67 -8.04
CA SER A 281 -2.36 1.80 -8.84
C SER A 281 -3.29 3.01 -8.67
N SER A 282 -2.74 4.12 -8.17
CA SER A 282 -3.46 5.38 -8.11
C SER A 282 -2.48 6.56 -8.13
N LEU A 283 -3.00 7.80 -8.25
CA LEU A 283 -2.17 9.00 -8.28
C LEU A 283 -2.66 10.00 -7.23
N VAL A 284 -1.71 10.66 -6.54
CA VAL A 284 -2.03 11.92 -5.88
C VAL A 284 -1.21 13.01 -6.58
N LEU A 285 -1.91 14.08 -7.02
CA LEU A 285 -1.32 15.18 -7.75
C LEU A 285 -1.50 16.45 -6.92
N TYR A 286 -0.48 17.34 -6.99
CA TYR A 286 -0.48 18.63 -6.30
C TYR A 286 -0.29 19.74 -7.32
N SER A 287 -0.83 20.91 -6.98
CA SER A 287 -0.68 22.14 -7.77
C SER A 287 0.75 22.71 -7.70
N ASP A 288 1.46 22.43 -6.61
CA ASP A 288 2.82 22.91 -6.41
C ASP A 288 3.60 21.88 -5.56
N LYS A 289 4.91 21.74 -5.87
CA LYS A 289 5.91 20.99 -5.11
C LYS A 289 5.89 21.30 -3.61
N LYS A 290 5.55 22.56 -3.26
CA LYS A 290 5.63 23.03 -1.87
C LYS A 290 4.65 22.24 -1.01
N TYR A 291 3.50 21.86 -1.59
CA TYR A 291 2.50 21.07 -0.88
C TYR A 291 2.96 19.62 -0.73
N ARG A 292 3.52 19.05 -1.80
CA ARG A 292 3.88 17.63 -1.81
C ARG A 292 4.96 17.35 -0.77
N ASN A 293 5.87 18.31 -0.56
CA ASN A 293 6.93 18.21 0.43
C ASN A 293 6.39 17.82 1.79
N TYR A 294 5.15 18.24 2.11
CA TYR A 294 4.56 17.91 3.39
C TYR A 294 4.10 16.44 3.48
N GLN A 295 3.96 15.71 2.36
CA GLN A 295 3.49 14.34 2.44
C GLN A 295 4.66 13.38 2.75
N PHE A 296 5.89 13.78 2.34
CA PHE A 296 7.08 12.95 2.43
C PHE A 296 7.42 12.58 3.88
N PHE A 297 8.06 11.42 4.06
CA PHE A 297 8.64 11.12 5.36
C PHE A 297 10.17 11.09 5.26
N VAL A 298 10.84 11.79 6.19
CA VAL A 298 12.29 11.83 6.26
C VAL A 298 12.75 11.55 7.68
N ASP A 299 13.58 10.51 7.85
CA ASP A 299 14.37 10.22 9.03
C ASP A 299 15.86 10.32 8.66
N THR A 300 16.47 11.43 9.05
CA THR A 300 17.87 11.69 8.75
C THR A 300 18.84 10.96 9.67
N ASP A 301 18.34 10.37 10.77
CA ASP A 301 19.17 9.96 11.90
C ASP A 301 19.25 8.43 12.03
N TRP A 302 18.50 7.72 11.20
CA TRP A 302 18.39 6.28 11.32
C TRP A 302 19.74 5.59 11.07
N GLN A 303 20.09 4.67 11.98
CA GLN A 303 21.28 3.86 11.85
C GLN A 303 21.36 3.15 10.50
N GLY A 304 20.18 2.79 9.95
CA GLY A 304 20.12 2.07 8.69
C GLY A 304 20.42 2.97 7.49
N GLY A 305 20.67 4.27 7.74
CA GLY A 305 20.98 5.22 6.67
C GLY A 305 19.92 6.31 6.57
N ILE A 306 20.19 7.37 5.82
CA ILE A 306 19.24 8.46 5.63
C ILE A 306 17.99 7.90 4.97
N TYR A 307 16.86 7.97 5.67
CA TYR A 307 15.64 7.34 5.19
C TYR A 307 14.68 8.42 4.70
N ALA A 308 14.27 8.33 3.44
CA ALA A 308 13.36 9.29 2.85
C ALA A 308 12.37 8.52 1.98
N SER A 309 11.10 8.50 2.37
CA SER A 309 10.09 7.83 1.55
C SER A 309 9.02 8.83 1.12
N PRO A 310 8.61 8.72 -0.16
CA PRO A 310 7.61 9.62 -0.71
C PRO A 310 6.18 9.31 -0.27
N THR A 311 5.88 8.04 0.05
CA THR A 311 4.52 7.60 0.39
C THR A 311 4.50 6.72 1.65
N ILE A 312 3.39 6.00 1.90
CA ILE A 312 3.20 5.22 3.11
C ILE A 312 4.14 4.02 3.12
N ALA A 313 4.28 3.34 1.97
CA ALA A 313 5.06 2.12 1.82
C ALA A 313 6.56 2.39 1.85
N GLY A 314 7.33 1.30 2.02
CA GLY A 314 8.77 1.29 1.80
C GLY A 314 9.04 0.63 0.46
N SER A 315 9.36 -0.68 0.48
CA SER A 315 9.28 -1.54 -0.70
C SER A 315 7.88 -1.44 -1.30
N ARG A 316 7.84 -1.43 -2.63
CA ARG A 316 6.59 -1.43 -3.39
C ARG A 316 6.74 -2.28 -4.64
N PRO A 317 5.62 -2.78 -5.19
CA PRO A 317 5.63 -3.53 -6.46
C PRO A 317 5.74 -2.71 -7.75
N GLY A 318 6.96 -2.61 -8.29
CA GLY A 318 7.17 -1.86 -9.52
C GLY A 318 6.55 -2.49 -10.77
N GLY A 319 6.36 -3.82 -10.77
CA GLY A 319 5.49 -4.52 -11.71
C GLY A 319 4.15 -3.83 -12.00
N ILE A 320 3.49 -3.30 -10.96
CA ILE A 320 2.16 -2.72 -11.07
C ILE A 320 2.23 -1.37 -11.79
N SER A 321 3.31 -0.63 -11.50
CA SER A 321 3.60 0.64 -12.16
C SER A 321 3.89 0.41 -13.66
N ALA A 322 4.74 -0.58 -13.94
CA ALA A 322 5.02 -0.93 -15.32
C ALA A 322 3.70 -1.20 -16.07
N ALA A 323 2.81 -1.96 -15.42
CA ALA A 323 1.54 -2.33 -16.03
C ALA A 323 0.61 -1.11 -16.18
N CYS A 324 0.68 -0.18 -15.19
CA CYS A 324 -0.06 1.08 -15.23
C CYS A 324 0.37 1.96 -16.41
N TRP A 325 1.69 2.07 -16.65
CA TRP A 325 2.23 2.74 -17.83
C TRP A 325 1.74 2.11 -19.15
N ALA A 326 1.81 0.77 -19.20
CA ALA A 326 1.35 0.00 -20.35
C ALA A 326 -0.10 0.32 -20.72
N ALA A 327 -0.96 0.45 -19.69
CA ALA A 327 -2.37 0.69 -19.92
C ALA A 327 -2.57 2.09 -20.51
N LEU A 328 -1.79 3.04 -20.00
CA LEU A 328 -1.90 4.42 -20.44
C LEU A 328 -1.47 4.50 -21.89
N MET A 329 -0.35 3.83 -22.16
CA MET A 329 0.26 3.92 -23.48
C MET A 329 -0.55 3.15 -24.49
N HIS A 330 -1.19 2.06 -24.06
CA HIS A 330 -2.06 1.24 -24.90
C HIS A 330 -3.34 1.97 -25.31
N PHE A 331 -4.07 2.53 -24.33
CA PHE A 331 -5.29 3.27 -24.63
C PHE A 331 -4.98 4.54 -25.41
N GLY A 332 -4.05 5.35 -24.86
CA GLY A 332 -3.87 6.72 -25.34
C GLY A 332 -5.16 7.55 -25.27
N GLU A 333 -5.07 8.78 -25.81
CA GLU A 333 -6.18 9.72 -25.80
C GLU A 333 -7.40 9.18 -26.54
N ASN A 334 -7.20 8.64 -27.75
CA ASN A 334 -8.26 8.08 -28.57
C ASN A 334 -8.94 6.91 -27.89
N GLY A 335 -8.15 6.05 -27.24
CA GLY A 335 -8.68 4.91 -26.51
C GLY A 335 -9.62 5.30 -25.36
N TYR A 336 -9.14 6.20 -24.51
CA TYR A 336 -9.92 6.63 -23.35
C TYR A 336 -11.12 7.48 -23.74
N VAL A 337 -10.97 8.32 -24.81
CA VAL A 337 -12.14 9.02 -25.32
C VAL A 337 -13.20 8.04 -25.81
N GLU A 338 -12.80 6.99 -26.51
CA GLU A 338 -13.75 6.01 -27.00
C GLU A 338 -14.39 5.22 -25.86
N ALA A 339 -13.54 4.78 -24.93
CA ALA A 339 -14.04 4.11 -23.72
C ALA A 339 -15.03 4.97 -22.93
N THR A 340 -14.73 6.27 -22.76
CA THR A 340 -15.61 7.20 -22.06
C THR A 340 -16.97 7.31 -22.77
N LYS A 341 -16.93 7.44 -24.10
CA LYS A 341 -18.12 7.46 -24.94
C LYS A 341 -19.00 6.24 -24.67
N GLN A 342 -18.39 5.05 -24.70
CA GLN A 342 -19.16 3.84 -24.52
C GLN A 342 -19.82 3.77 -23.14
N ILE A 343 -19.09 4.18 -22.09
CA ILE A 343 -19.65 4.15 -20.73
C ILE A 343 -20.83 5.13 -20.60
N ILE A 344 -20.57 6.39 -20.94
CA ILE A 344 -21.56 7.45 -20.76
C ILE A 344 -22.80 7.20 -21.63
N LYS A 345 -22.66 6.73 -22.89
CA LYS A 345 -23.82 6.35 -23.69
C LYS A 345 -24.71 5.38 -22.92
N THR A 346 -24.08 4.38 -22.29
CA THR A 346 -24.77 3.35 -21.54
C THR A 346 -25.44 3.97 -20.31
N ALA A 347 -24.68 4.78 -19.56
CA ALA A 347 -25.21 5.51 -18.41
C ALA A 347 -26.42 6.37 -18.75
N ARG A 348 -26.32 7.17 -19.82
CA ARG A 348 -27.34 8.16 -20.15
C ARG A 348 -28.61 7.43 -20.61
N PHE A 349 -28.45 6.32 -21.35
CA PHE A 349 -29.60 5.51 -21.69
C PHE A 349 -30.28 4.94 -20.43
N LEU A 350 -29.49 4.27 -19.57
CA LEU A 350 -30.08 3.66 -18.38
C LEU A 350 -30.74 4.69 -17.48
N LYS A 351 -30.09 5.85 -17.31
CA LYS A 351 -30.60 6.97 -16.52
C LYS A 351 -31.98 7.41 -17.03
N SER A 352 -32.13 7.60 -18.35
CA SER A 352 -33.41 8.05 -18.87
C SER A 352 -34.50 6.98 -18.67
N GLU A 353 -34.12 5.70 -18.74
CA GLU A 353 -35.08 4.61 -18.60
C GLU A 353 -35.48 4.39 -17.13
N LEU A 354 -34.51 4.44 -16.22
CA LEU A 354 -34.81 4.26 -14.80
C LEU A 354 -35.64 5.43 -14.25
N GLU A 355 -35.59 6.59 -14.92
CA GLU A 355 -36.45 7.71 -14.55
C GLU A 355 -37.91 7.49 -14.96
N ASN A 356 -38.18 6.55 -15.88
CA ASN A 356 -39.55 6.33 -16.32
C ASN A 356 -40.11 5.04 -15.75
N ILE A 357 -39.83 4.72 -14.48
CA ILE A 357 -40.32 3.50 -13.86
C ILE A 357 -41.05 3.89 -12.57
N LYS A 358 -42.35 3.54 -12.52
CA LYS A 358 -43.23 3.82 -11.38
C LYS A 358 -42.72 3.01 -10.18
N GLY A 359 -42.59 3.69 -9.04
CA GLY A 359 -42.11 3.06 -7.82
C GLY A 359 -40.68 3.45 -7.41
N ILE A 360 -39.83 3.92 -8.35
CA ILE A 360 -38.43 4.22 -8.04
C ILE A 360 -38.09 5.61 -8.58
N PHE A 361 -37.02 6.21 -8.04
CA PHE A 361 -36.47 7.45 -8.55
C PHE A 361 -34.96 7.35 -8.53
N VAL A 362 -34.28 8.25 -9.25
CA VAL A 362 -32.83 8.32 -9.22
C VAL A 362 -32.43 9.57 -8.45
N PHE A 363 -31.47 9.42 -7.53
CA PHE A 363 -31.00 10.55 -6.73
C PHE A 363 -30.15 11.50 -7.55
N GLY A 364 -30.39 12.80 -7.37
CA GLY A 364 -29.64 13.84 -8.05
C GLY A 364 -29.70 13.69 -9.56
N ASN A 365 -28.68 14.20 -10.23
CA ASN A 365 -28.64 14.15 -11.66
C ASN A 365 -27.26 13.66 -12.09
N PRO A 366 -26.98 12.34 -12.03
CA PRO A 366 -25.65 11.82 -12.31
C PRO A 366 -25.31 11.91 -13.79
N GLN A 367 -24.09 12.38 -14.08
CA GLN A 367 -23.64 12.69 -15.42
C GLN A 367 -22.54 11.73 -15.83
N LEU A 368 -22.19 10.80 -14.92
CA LEU A 368 -21.11 9.83 -15.15
C LEU A 368 -21.67 8.42 -15.05
N SER A 369 -20.93 7.51 -14.41
CA SER A 369 -21.04 6.06 -14.60
C SER A 369 -21.86 5.41 -13.48
N VAL A 370 -22.16 6.20 -12.43
CA VAL A 370 -22.87 5.76 -11.23
C VAL A 370 -24.27 6.36 -11.20
N ILE A 371 -25.24 5.47 -10.98
CA ILE A 371 -26.65 5.79 -10.83
C ILE A 371 -27.17 5.16 -9.54
N ALA A 372 -27.71 6.03 -8.65
CA ALA A 372 -28.28 5.65 -7.37
C ALA A 372 -29.79 5.74 -7.42
N LEU A 373 -30.46 4.69 -6.90
CA LEU A 373 -31.92 4.58 -6.90
C LEU A 373 -32.45 4.65 -5.47
N GLY A 374 -33.62 5.27 -5.31
CA GLY A 374 -34.40 5.16 -4.09
C GLY A 374 -35.87 4.85 -4.42
N SER A 375 -36.72 4.89 -3.40
CA SER A 375 -38.16 4.71 -3.58
C SER A 375 -38.92 5.29 -2.41
N ARG A 376 -40.01 6.03 -2.71
CA ARG A 376 -40.92 6.53 -1.69
C ARG A 376 -42.11 5.59 -1.55
N ASP A 377 -42.12 4.47 -2.29
CA ASP A 377 -43.27 3.59 -2.42
C ASP A 377 -43.00 2.25 -1.78
N PHE A 378 -41.72 1.90 -1.58
CA PHE A 378 -41.38 0.66 -0.94
C PHE A 378 -39.94 0.75 -0.44
N ASP A 379 -39.53 -0.29 0.29
CA ASP A 379 -38.18 -0.41 0.83
C ASP A 379 -37.20 -0.79 -0.29
N ILE A 380 -36.30 0.16 -0.62
CA ILE A 380 -35.40 0.03 -1.77
C ILE A 380 -34.56 -1.25 -1.69
N TYR A 381 -34.25 -1.74 -0.49
CA TYR A 381 -33.40 -2.91 -0.30
C TYR A 381 -34.07 -4.19 -0.79
N ARG A 382 -35.41 -4.19 -0.94
CA ARG A 382 -36.12 -5.27 -1.60
C ARG A 382 -35.69 -5.40 -3.06
N LEU A 383 -35.43 -4.26 -3.70
CA LEU A 383 -35.02 -4.29 -5.09
C LEU A 383 -33.63 -4.93 -5.20
N SER A 384 -32.75 -4.63 -4.23
CA SER A 384 -31.42 -5.24 -4.20
C SER A 384 -31.55 -6.73 -3.90
N ASN A 385 -32.49 -7.06 -3.00
CA ASN A 385 -32.80 -8.46 -2.73
C ASN A 385 -33.13 -9.21 -4.04
N LEU A 386 -34.10 -8.68 -4.80
CA LEU A 386 -34.55 -9.37 -6.02
C LEU A 386 -33.46 -9.37 -7.10
N MET A 387 -32.70 -8.28 -7.21
CA MET A 387 -31.63 -8.24 -8.21
C MET A 387 -30.51 -9.22 -7.85
N THR A 388 -30.22 -9.34 -6.56
CA THR A 388 -29.26 -10.36 -6.13
C THR A 388 -29.72 -11.75 -6.56
N ALA A 389 -31.01 -12.05 -6.32
CA ALA A 389 -31.57 -13.35 -6.70
C ALA A 389 -31.49 -13.53 -8.22
N LYS A 390 -31.69 -12.44 -8.98
CA LYS A 390 -31.56 -12.54 -10.43
C LYS A 390 -30.09 -12.56 -10.85
N GLY A 391 -29.15 -12.45 -9.90
CA GLY A 391 -27.74 -12.69 -10.20
C GLY A 391 -26.97 -11.40 -10.47
N TRP A 392 -27.41 -10.29 -9.89
CA TRP A 392 -26.74 -9.01 -10.03
C TRP A 392 -26.20 -8.55 -8.68
N ASN A 393 -25.00 -7.94 -8.66
CA ASN A 393 -24.45 -7.45 -7.40
C ASN A 393 -24.42 -5.92 -7.40
N LEU A 394 -25.39 -5.27 -6.71
CA LEU A 394 -25.47 -3.80 -6.64
C LEU A 394 -24.90 -3.34 -5.31
N ASN A 395 -24.61 -2.04 -5.18
CA ASN A 395 -24.05 -1.55 -3.92
C ASN A 395 -25.18 -1.01 -3.05
N GLN A 396 -25.21 -1.41 -1.78
CA GLN A 396 -26.22 -0.94 -0.83
C GLN A 396 -25.68 0.25 -0.05
N LEU A 397 -26.38 1.39 -0.14
CA LEU A 397 -25.96 2.60 0.54
C LEU A 397 -26.81 2.77 1.79
N GLN A 398 -26.68 3.92 2.48
CA GLN A 398 -27.47 4.21 3.66
C GLN A 398 -27.49 5.72 3.88
N PHE A 399 -28.39 6.22 4.74
CA PHE A 399 -28.46 7.63 5.11
C PHE A 399 -28.38 8.58 3.91
N PRO A 400 -29.32 8.54 2.94
CA PRO A 400 -30.55 7.75 3.02
C PRO A 400 -30.57 6.39 2.32
N PRO A 401 -31.63 5.58 2.59
CA PRO A 401 -31.79 4.26 1.99
C PRO A 401 -31.71 4.36 0.46
N SER A 402 -30.72 3.67 -0.10
CA SER A 402 -30.46 3.75 -1.53
C SER A 402 -29.61 2.56 -1.96
N ILE A 403 -29.61 2.30 -3.28
CA ILE A 403 -28.73 1.30 -3.86
C ILE A 403 -28.15 1.87 -5.15
N HIS A 404 -26.98 1.41 -5.59
CA HIS A 404 -26.41 1.93 -6.82
C HIS A 404 -25.75 0.83 -7.68
N PHE A 405 -25.57 1.15 -8.98
N PHE A 405 -25.53 1.18 -8.95
CA PHE A 405 -24.78 0.39 -9.95
CA PHE A 405 -24.73 0.38 -9.86
C PHE A 405 -23.69 1.31 -10.51
C PHE A 405 -23.71 1.28 -10.53
N CYS A 406 -22.48 0.77 -10.66
CA CYS A 406 -21.39 1.49 -11.32
C CYS A 406 -21.12 0.83 -12.67
N ILE A 407 -21.33 1.59 -13.75
CA ILE A 407 -21.13 1.06 -15.10
C ILE A 407 -19.66 1.15 -15.47
N THR A 408 -19.09 0.05 -15.99
CA THR A 408 -17.68 -0.06 -16.34
C THR A 408 -17.56 -0.40 -17.83
N LEU A 409 -16.33 -0.34 -18.37
CA LEU A 409 -16.10 -0.67 -19.76
C LEU A 409 -16.45 -2.14 -20.05
N LEU A 410 -16.25 -3.03 -19.05
CA LEU A 410 -16.72 -4.41 -19.13
C LEU A 410 -18.21 -4.50 -19.49
N HIS A 411 -19.04 -3.72 -18.76
CA HIS A 411 -20.49 -3.76 -18.91
C HIS A 411 -20.86 -3.34 -20.35
N ALA A 412 -20.11 -2.38 -20.91
CA ALA A 412 -20.37 -1.90 -22.25
C ALA A 412 -19.96 -2.96 -23.27
N ARG A 413 -18.79 -3.59 -23.06
CA ARG A 413 -18.34 -4.61 -23.99
C ARG A 413 -19.29 -5.81 -23.94
N LYS A 414 -19.84 -6.15 -22.77
CA LYS A 414 -20.73 -7.29 -22.66
C LYS A 414 -22.17 -6.94 -23.03
N ARG A 415 -22.49 -5.65 -23.12
CA ARG A 415 -23.79 -5.24 -23.64
C ARG A 415 -24.92 -5.65 -22.67
N VAL A 416 -24.73 -5.49 -21.35
CA VAL A 416 -25.67 -6.06 -20.36
C VAL A 416 -26.87 -5.14 -20.05
N ALA A 417 -26.80 -3.87 -20.50
CA ALA A 417 -27.69 -2.80 -20.07
C ALA A 417 -29.19 -3.13 -20.24
N ILE A 418 -29.52 -3.71 -21.40
CA ILE A 418 -30.91 -4.06 -21.73
C ILE A 418 -31.40 -5.09 -20.70
N GLN A 419 -30.61 -6.16 -20.50
CA GLN A 419 -30.97 -7.20 -19.54
C GLN A 419 -31.10 -6.60 -18.16
N PHE A 420 -30.17 -5.68 -17.84
CA PHE A 420 -30.17 -5.02 -16.55
C PHE A 420 -31.51 -4.31 -16.34
N LEU A 421 -31.91 -3.53 -17.36
CA LEU A 421 -33.14 -2.75 -17.30
C LEU A 421 -34.37 -3.66 -17.13
N LYS A 422 -34.48 -4.67 -18.02
CA LYS A 422 -35.55 -5.67 -17.97
C LYS A 422 -35.72 -6.21 -16.55
N ASP A 423 -34.60 -6.64 -15.93
CA ASP A 423 -34.65 -7.22 -14.60
C ASP A 423 -35.08 -6.18 -13.55
N ILE A 424 -34.59 -4.95 -13.67
CA ILE A 424 -35.04 -3.92 -12.73
C ILE A 424 -36.55 -3.75 -12.85
N ARG A 425 -37.04 -3.63 -14.09
CA ARG A 425 -38.46 -3.38 -14.30
C ARG A 425 -39.30 -4.52 -13.71
N GLU A 426 -38.93 -5.76 -14.03
CA GLU A 426 -39.65 -6.89 -13.49
C GLU A 426 -39.58 -6.89 -11.96
N SER A 427 -38.37 -6.67 -11.43
CA SER A 427 -38.23 -6.62 -9.98
C SER A 427 -39.15 -5.57 -9.36
N VAL A 428 -39.26 -4.37 -9.98
CA VAL A 428 -40.09 -3.30 -9.41
C VAL A 428 -41.57 -3.70 -9.53
N THR A 429 -41.98 -4.13 -10.73
CA THR A 429 -43.35 -4.56 -10.97
C THR A 429 -43.80 -5.51 -9.88
N GLN A 430 -43.01 -6.59 -9.69
CA GLN A 430 -43.29 -7.54 -8.64
C GLN A 430 -43.47 -6.87 -7.29
N ILE A 431 -42.55 -5.96 -6.91
CA ILE A 431 -42.48 -5.45 -5.55
C ILE A 431 -43.71 -4.57 -5.31
N MET A 432 -44.11 -3.92 -6.41
CA MET A 432 -45.19 -2.94 -6.38
C MET A 432 -46.55 -3.61 -6.18
N LYS A 433 -46.61 -4.95 -6.29
CA LYS A 433 -47.82 -5.70 -5.96
C LYS A 433 -48.02 -5.77 -4.46
N ASN A 434 -46.94 -5.70 -3.66
CA ASN A 434 -47.07 -5.64 -2.20
C ASN A 434 -46.07 -4.64 -1.64
N PRO A 435 -46.25 -3.33 -1.94
CA PRO A 435 -45.28 -2.31 -1.56
C PRO A 435 -45.02 -2.25 -0.05
N LYS A 436 -45.99 -2.69 0.77
CA LYS A 436 -45.89 -2.55 2.21
C LYS A 436 -45.46 -3.87 2.87
N ALA A 437 -45.09 -4.89 2.09
CA ALA A 437 -44.62 -6.15 2.65
C ALA A 437 -43.29 -5.99 3.42
N LYS A 438 -43.06 -6.86 4.41
CA LYS A 438 -41.90 -6.81 5.32
C LYS A 438 -40.62 -7.22 4.58
N THR A 439 -39.55 -6.41 4.71
CA THR A 439 -38.28 -6.73 4.07
C THR A 439 -37.60 -7.87 4.83
N THR A 440 -37.20 -8.91 4.07
CA THR A 440 -36.45 -10.04 4.59
C THR A 440 -35.03 -10.01 4.03
N GLY A 441 -34.20 -10.98 4.44
CA GLY A 441 -32.84 -11.14 3.96
C GLY A 441 -31.89 -10.03 4.44
N MET A 442 -30.74 -9.94 3.76
CA MET A 442 -29.76 -8.88 3.91
C MET A 442 -30.40 -7.49 3.84
N GLY A 443 -31.36 -7.38 2.90
CA GLY A 443 -32.16 -6.19 2.72
C GLY A 443 -32.67 -5.62 4.05
N ALA A 444 -33.04 -6.53 4.99
CA ALA A 444 -33.56 -6.09 6.28
C ALA A 444 -32.38 -5.61 7.12
N ILE A 445 -31.27 -6.33 7.07
CA ILE A 445 -30.08 -5.93 7.82
C ILE A 445 -29.68 -4.50 7.45
N TYR A 446 -29.68 -4.21 6.13
CA TYR A 446 -29.27 -2.88 5.67
C TYR A 446 -30.18 -1.79 6.20
N GLY A 447 -31.48 -2.08 6.34
CA GLY A 447 -32.42 -1.11 6.87
C GLY A 447 -32.33 -0.97 8.40
N MET A 448 -32.31 -2.10 9.11
CA MET A 448 -32.16 -2.13 10.55
C MET A 448 -30.89 -1.39 10.99
N ALA A 449 -29.79 -1.67 10.29
CA ALA A 449 -28.47 -1.10 10.60
C ALA A 449 -28.56 0.42 10.76
N GLN A 450 -29.28 1.09 9.85
CA GLN A 450 -29.41 2.54 9.85
C GLN A 450 -30.34 3.03 10.96
N THR A 451 -31.27 2.17 11.41
CA THR A 451 -32.31 2.58 12.33
C THR A 451 -31.91 2.25 13.77
N THR A 452 -30.91 1.38 13.96
CA THR A 452 -30.40 1.07 15.30
C THR A 452 -29.92 2.33 16.02
N VAL A 453 -30.32 2.48 17.29
CA VAL A 453 -29.88 3.58 18.12
C VAL A 453 -28.43 3.39 18.60
N ASP A 454 -28.03 2.13 18.92
CA ASP A 454 -26.69 1.84 19.42
C ASP A 454 -25.71 1.54 18.26
N ARG A 455 -25.04 2.61 17.82
CA ARG A 455 -24.03 2.53 16.78
C ARG A 455 -23.04 1.39 17.08
N ASN A 456 -22.70 1.18 18.35
CA ASN A 456 -21.78 0.13 18.79
C ASN A 456 -22.16 -1.23 18.21
N MET A 457 -23.42 -1.63 18.39
CA MET A 457 -23.84 -2.97 17.91
C MET A 457 -23.45 -3.10 16.43
N VAL A 458 -23.59 -2.01 15.68
CA VAL A 458 -23.28 -2.07 14.25
C VAL A 458 -21.76 -2.25 14.08
N ALA A 459 -20.98 -1.47 14.86
CA ALA A 459 -19.53 -1.54 14.85
C ALA A 459 -19.08 -2.99 15.12
N GLU A 460 -19.81 -3.67 16.01
CA GLU A 460 -19.41 -5.02 16.39
C GLU A 460 -19.75 -6.00 15.28
N LEU A 461 -20.86 -5.76 14.57
CA LEU A 461 -21.14 -6.66 13.47
C LEU A 461 -20.00 -6.59 12.44
N SER A 462 -19.53 -5.36 12.17
CA SER A 462 -18.40 -5.13 11.27
C SER A 462 -17.12 -5.85 11.71
N SER A 463 -16.75 -5.71 12.99
CA SER A 463 -15.58 -6.41 13.52
C SER A 463 -15.71 -7.93 13.32
N VAL A 464 -16.90 -8.46 13.59
CA VAL A 464 -17.19 -9.88 13.41
C VAL A 464 -17.09 -10.28 11.92
N PHE A 465 -17.62 -9.44 11.02
CA PHE A 465 -17.46 -9.70 9.59
C PHE A 465 -15.97 -9.76 9.23
N LEU A 466 -15.22 -8.73 9.65
CA LEU A 466 -13.79 -8.69 9.36
C LEU A 466 -13.06 -9.92 9.92
N ASP A 467 -13.40 -10.31 11.15
CA ASP A 467 -12.86 -11.55 11.73
C ASP A 467 -13.10 -12.72 10.77
N SER A 468 -14.29 -12.76 10.17
CA SER A 468 -14.72 -13.92 9.41
C SER A 468 -13.96 -14.01 8.08
N LEU A 469 -13.52 -12.86 7.55
CA LEU A 469 -12.68 -12.85 6.35
C LEU A 469 -11.44 -13.73 6.47
N TYR A 470 -10.92 -13.86 7.71
CA TYR A 470 -9.65 -14.53 7.95
C TYR A 470 -9.86 -15.93 8.53
N SER A 471 -11.09 -16.41 8.53
CA SER A 471 -11.40 -17.74 9.14
C SER A 471 -10.90 -18.90 8.27
N THR A 472 -10.38 -19.92 8.93
CA THR A 472 -9.93 -21.16 8.24
C THR A 472 -10.68 -22.32 8.90
N ASP A 473 -11.89 -22.06 9.42
CA ASP A 473 -12.65 -23.08 10.19
C ASP A 473 -13.82 -23.62 9.36
N LEU B 26 18.80 8.49 -13.51
CA LEU B 26 19.15 9.94 -13.47
C LEU B 26 19.68 10.42 -14.83
N LYS B 27 20.85 9.93 -15.25
CA LYS B 27 21.37 10.16 -16.59
C LYS B 27 20.69 9.18 -17.55
N VAL B 28 19.49 9.55 -18.02
CA VAL B 28 18.71 8.72 -18.92
C VAL B 28 19.17 8.95 -20.36
N ASP B 29 19.13 7.90 -21.20
CA ASP B 29 19.51 8.01 -22.61
C ASP B 29 18.28 7.75 -23.49
N LYS B 30 17.28 8.64 -23.34
CA LYS B 30 15.98 8.55 -23.98
C LYS B 30 15.10 9.69 -23.47
N GLU B 31 14.29 10.30 -24.35
CA GLU B 31 13.43 11.41 -23.97
C GLU B 31 12.27 10.91 -23.10
N TYR B 32 11.69 11.83 -22.32
CA TYR B 32 10.62 11.51 -21.37
C TYR B 32 9.27 11.57 -22.07
N VAL B 33 8.38 10.61 -21.79
CA VAL B 33 6.98 10.73 -22.14
C VAL B 33 6.30 11.70 -21.16
N LYS B 34 5.76 12.83 -21.65
CA LYS B 34 5.24 13.84 -20.75
C LYS B 34 3.74 14.03 -20.87
N ALA B 35 3.14 13.39 -21.86
CA ALA B 35 1.69 13.44 -22.02
C ALA B 35 1.23 12.11 -22.61
N LEU B 36 -0.07 11.90 -22.56
CA LEU B 36 -0.71 10.75 -23.15
C LEU B 36 -0.55 10.82 -24.66
N PRO B 37 -0.17 9.73 -25.37
CA PRO B 37 -0.10 9.73 -26.83
C PRO B 37 -1.48 9.97 -27.43
N SER B 38 -1.55 10.69 -28.57
CA SER B 38 -2.81 10.95 -29.26
C SER B 38 -3.44 9.64 -29.70
N GLN B 39 -2.58 8.71 -30.15
CA GLN B 39 -3.01 7.39 -30.58
C GLN B 39 -2.37 6.34 -29.68
N GLY B 40 -3.20 5.62 -28.92
CA GLY B 40 -2.74 4.51 -28.12
C GLY B 40 -1.88 3.58 -28.98
N LEU B 41 -0.86 2.96 -28.38
CA LEU B 41 0.01 2.02 -29.05
C LEU B 41 -0.60 0.63 -28.99
N SER B 42 -0.24 -0.24 -29.95
CA SER B 42 -0.57 -1.64 -29.90
C SER B 42 0.22 -2.36 -28.80
N SER B 43 -0.30 -3.52 -28.38
CA SER B 43 0.31 -4.36 -27.35
C SER B 43 1.79 -4.62 -27.59
N SER B 44 2.09 -5.04 -28.81
CA SER B 44 3.46 -5.32 -29.22
C SER B 44 4.33 -4.07 -29.12
N ALA B 45 3.79 -2.91 -29.51
CA ALA B 45 4.56 -1.66 -29.52
C ALA B 45 4.81 -1.16 -28.08
N VAL B 46 3.78 -1.28 -27.22
CA VAL B 46 3.96 -1.01 -25.79
C VAL B 46 5.09 -1.87 -25.20
N LEU B 47 5.03 -3.17 -25.47
CA LEU B 47 5.98 -4.09 -24.86
C LEU B 47 7.38 -3.88 -25.45
N GLU B 48 7.45 -3.58 -26.76
CA GLU B 48 8.72 -3.22 -27.38
C GLU B 48 9.29 -1.91 -26.81
N LYS B 49 8.44 -0.92 -26.51
CA LYS B 49 8.94 0.30 -25.88
C LYS B 49 9.39 0.02 -24.45
N LEU B 50 8.70 -0.87 -23.74
CA LEU B 50 9.08 -1.20 -22.37
C LEU B 50 10.50 -1.77 -22.31
N LYS B 51 10.93 -2.47 -23.38
CA LYS B 51 12.26 -3.08 -23.41
C LYS B 51 13.34 -2.03 -23.11
N GLU B 52 13.10 -0.78 -23.54
CA GLU B 52 14.05 0.31 -23.37
C GLU B 52 14.23 0.64 -21.89
N TYR B 53 13.17 0.45 -21.10
CA TYR B 53 13.23 0.76 -19.68
C TYR B 53 13.83 -0.43 -18.93
N SER B 54 13.46 -1.66 -19.31
CA SER B 54 13.91 -2.83 -18.54
C SER B 54 15.40 -3.07 -18.78
N SER B 55 15.90 -2.77 -19.99
CA SER B 55 17.31 -2.97 -20.27
C SER B 55 18.17 -2.04 -19.43
N MET B 56 17.59 -0.90 -18.97
CA MET B 56 18.29 0.01 -18.05
C MET B 56 18.52 -0.66 -16.70
N ASP B 57 17.72 -1.68 -16.34
CA ASP B 57 17.66 -2.14 -14.96
C ASP B 57 18.40 -3.47 -14.81
N ALA B 58 19.70 -3.49 -15.14
CA ALA B 58 20.39 -4.78 -15.20
C ALA B 58 21.59 -4.85 -14.23
N PHE B 59 21.36 -4.52 -12.94
CA PHE B 59 22.42 -4.47 -11.94
C PHE B 59 22.38 -5.65 -10.97
N TRP B 60 21.21 -6.31 -10.85
CA TRP B 60 20.98 -7.33 -9.86
C TRP B 60 21.20 -8.73 -10.44
N GLN B 61 21.06 -8.88 -11.76
CA GLN B 61 20.96 -10.20 -12.39
C GLN B 61 22.26 -10.98 -12.22
N GLU B 62 23.39 -10.30 -12.11
CA GLU B 62 24.67 -10.96 -11.91
C GLU B 62 25.07 -11.00 -10.43
N GLY B 63 24.08 -10.91 -9.52
CA GLY B 63 24.29 -11.11 -8.09
C GLY B 63 25.15 -10.04 -7.41
N ARG B 64 25.08 -8.78 -7.86
CA ARG B 64 25.98 -7.76 -7.36
C ARG B 64 25.27 -6.70 -6.49
N ALA B 65 23.95 -6.88 -6.24
CA ALA B 65 23.22 -5.97 -5.36
C ALA B 65 23.01 -6.62 -4.00
N SER B 66 23.26 -5.84 -2.92
CA SER B 66 22.86 -6.21 -1.56
C SER B 66 21.34 -6.29 -1.45
N GLY B 67 20.81 -7.39 -0.91
CA GLY B 67 19.37 -7.55 -0.79
C GLY B 67 18.66 -7.29 -2.11
N THR B 68 17.53 -6.59 -2.07
CA THR B 68 16.85 -6.05 -3.24
C THR B 68 16.06 -7.11 -4.00
N VAL B 69 16.74 -8.15 -4.53
CA VAL B 69 16.10 -9.28 -5.17
C VAL B 69 16.53 -10.54 -4.44
N TYR B 70 15.56 -11.31 -3.88
CA TYR B 70 15.85 -12.42 -2.97
C TYR B 70 16.06 -13.77 -3.68
N SER B 71 15.41 -14.01 -4.82
CA SER B 71 15.73 -15.19 -5.62
C SER B 71 15.95 -14.80 -7.09
N GLY B 72 14.93 -14.21 -7.70
CA GLY B 72 14.99 -13.75 -9.08
C GLY B 72 15.09 -14.88 -10.11
N GLU B 73 14.86 -16.12 -9.71
CA GLU B 73 15.06 -17.26 -10.58
C GLU B 73 13.92 -17.33 -11.61
N GLU B 74 14.31 -17.65 -12.85
CA GLU B 74 13.48 -17.67 -14.04
C GLU B 74 12.22 -18.53 -13.87
N LYS B 75 12.39 -19.82 -13.55
CA LYS B 75 11.28 -20.76 -13.45
C LYS B 75 10.34 -20.32 -12.32
N LEU B 76 10.88 -19.73 -11.24
CA LEU B 76 10.05 -19.24 -10.12
C LEU B 76 9.25 -18.01 -10.55
N THR B 77 9.95 -17.02 -11.11
CA THR B 77 9.31 -15.83 -11.66
C THR B 77 8.11 -16.15 -12.55
N GLU B 78 8.34 -17.08 -13.50
CA GLU B 78 7.33 -17.50 -14.47
C GLU B 78 6.09 -18.03 -13.76
N LEU B 79 6.29 -18.80 -12.68
CA LEU B 79 5.19 -19.35 -11.91
C LEU B 79 4.45 -18.22 -11.18
N LEU B 80 5.21 -17.31 -10.56
CA LEU B 80 4.59 -16.26 -9.76
C LEU B 80 3.79 -15.28 -10.63
N VAL B 81 4.31 -15.00 -11.84
CA VAL B 81 3.62 -14.11 -12.77
C VAL B 81 2.37 -14.77 -13.32
N LYS B 82 2.41 -16.08 -13.61
CA LYS B 82 1.22 -16.77 -14.09
C LYS B 82 0.13 -16.81 -13.01
N ALA B 83 0.53 -17.09 -11.77
CA ALA B 83 -0.35 -17.05 -10.60
C ALA B 83 -0.95 -15.65 -10.42
N TYR B 84 -0.11 -14.62 -10.43
CA TYR B 84 -0.62 -13.26 -10.42
C TYR B 84 -1.65 -13.06 -11.55
N GLY B 85 -1.24 -13.48 -12.75
CA GLY B 85 -2.06 -13.36 -13.95
C GLY B 85 -3.43 -14.02 -13.83
N ASP B 86 -3.51 -15.22 -13.23
CA ASP B 86 -4.80 -15.88 -13.01
C ASP B 86 -5.71 -15.11 -12.04
N PHE B 87 -5.17 -14.14 -11.27
CA PHE B 87 -5.96 -13.43 -10.26
C PHE B 87 -5.80 -11.93 -10.44
N ALA B 88 -5.37 -11.53 -11.64
CA ALA B 88 -5.05 -10.15 -11.98
C ALA B 88 -6.14 -9.15 -11.53
N TRP B 89 -7.43 -9.47 -11.73
CA TRP B 89 -8.50 -8.53 -11.40
C TRP B 89 -9.11 -8.73 -10.02
N SER B 90 -8.66 -9.74 -9.25
CA SER B 90 -9.17 -9.94 -7.93
C SER B 90 -8.81 -8.77 -7.00
N ASN B 91 -9.73 -8.49 -6.07
CA ASN B 91 -9.69 -7.33 -5.18
C ASN B 91 -10.38 -7.77 -3.89
N PRO B 92 -9.62 -8.02 -2.80
CA PRO B 92 -10.16 -8.57 -1.56
C PRO B 92 -11.08 -7.64 -0.77
N LEU B 93 -11.23 -6.39 -1.24
CA LEU B 93 -12.33 -5.50 -0.88
C LEU B 93 -13.68 -6.10 -1.25
N HIS B 94 -13.72 -7.01 -2.24
CA HIS B 94 -14.94 -7.66 -2.68
C HIS B 94 -14.88 -9.17 -2.48
N PRO B 95 -14.94 -9.67 -1.23
CA PRO B 95 -14.83 -11.10 -0.94
C PRO B 95 -16.04 -11.94 -1.34
N ASP B 96 -17.20 -11.29 -1.53
CA ASP B 96 -18.35 -11.90 -2.17
C ASP B 96 -18.08 -12.11 -3.66
N ILE B 97 -17.29 -11.25 -4.33
CA ILE B 97 -16.99 -11.44 -5.75
C ILE B 97 -15.80 -12.36 -5.95
N PHE B 98 -14.81 -12.32 -5.03
CA PHE B 98 -13.61 -13.12 -5.10
C PHE B 98 -13.44 -13.96 -3.82
N PRO B 99 -14.37 -14.92 -3.56
CA PRO B 99 -14.25 -15.82 -2.41
C PRO B 99 -12.97 -16.67 -2.43
N GLY B 100 -12.45 -16.95 -3.64
CA GLY B 100 -11.22 -17.70 -3.82
C GLY B 100 -10.02 -16.95 -3.27
N LEU B 101 -9.97 -15.64 -3.53
CA LEU B 101 -8.91 -14.80 -2.99
C LEU B 101 -9.03 -14.64 -1.47
N ARG B 102 -10.29 -14.61 -0.99
CA ARG B 102 -10.55 -14.50 0.44
C ARG B 102 -10.01 -15.72 1.17
N LYS B 103 -10.08 -16.90 0.53
CA LYS B 103 -9.56 -18.14 1.10
C LYS B 103 -8.03 -18.20 1.03
N ILE B 104 -7.45 -17.71 -0.06
CA ILE B 104 -5.99 -17.63 -0.20
C ILE B 104 -5.39 -16.77 0.91
N GLU B 105 -5.98 -15.59 1.18
CA GLU B 105 -5.36 -14.74 2.18
C GLU B 105 -5.49 -15.36 3.58
N ALA B 106 -6.65 -15.97 3.87
CA ALA B 106 -6.84 -16.68 5.14
C ALA B 106 -5.79 -17.77 5.36
N GLU B 107 -5.47 -18.50 4.29
CA GLU B 107 -4.49 -19.58 4.33
C GLU B 107 -3.06 -19.05 4.54
N ILE B 108 -2.67 -18.01 3.79
CA ILE B 108 -1.39 -17.34 3.98
C ILE B 108 -1.21 -16.98 5.46
N VAL B 109 -2.23 -16.33 6.06
CA VAL B 109 -2.10 -15.91 7.46
C VAL B 109 -1.91 -17.13 8.38
N ARG B 110 -2.73 -18.18 8.16
CA ARG B 110 -2.68 -19.33 9.04
C ARG B 110 -1.36 -20.10 8.89
N ILE B 111 -0.86 -20.22 7.66
CA ILE B 111 0.47 -20.81 7.42
C ILE B 111 1.52 -20.07 8.24
N ALA B 112 1.49 -18.73 8.19
CA ALA B 112 2.44 -17.90 8.94
C ALA B 112 2.27 -18.06 10.45
N CYS B 113 1.01 -18.08 10.92
CA CYS B 113 0.82 -18.24 12.36
C CYS B 113 1.41 -19.57 12.79
N SER B 114 1.29 -20.61 11.95
CA SER B 114 1.87 -21.91 12.23
C SER B 114 3.38 -21.86 12.28
N LEU B 115 3.97 -21.22 11.26
CA LEU B 115 5.42 -21.08 11.23
C LEU B 115 5.90 -20.42 12.52
N PHE B 116 5.12 -19.48 13.08
CA PHE B 116 5.56 -18.79 14.31
C PHE B 116 4.96 -19.39 15.58
N ASN B 117 4.36 -20.59 15.43
CA ASN B 117 3.85 -21.35 16.55
C ASN B 117 2.89 -20.48 17.36
N GLY B 118 1.91 -19.86 16.68
CA GLY B 118 0.94 -19.01 17.37
C GLY B 118 -0.19 -19.80 18.04
N GLY B 119 -0.46 -21.03 17.56
CA GLY B 119 -1.58 -21.78 18.08
C GLY B 119 -2.93 -21.19 17.67
N PRO B 120 -4.05 -21.81 18.10
CA PRO B 120 -5.39 -21.47 17.58
C PRO B 120 -5.87 -20.04 17.87
N ASP B 121 -5.37 -19.38 18.93
CA ASP B 121 -5.81 -18.02 19.23
C ASP B 121 -5.08 -16.96 18.40
N SER B 122 -3.89 -17.29 17.87
CA SER B 122 -3.13 -16.35 17.05
C SER B 122 -3.90 -15.99 15.78
N CYS B 123 -3.57 -14.84 15.18
CA CYS B 123 -4.28 -14.34 14.01
C CYS B 123 -3.39 -13.34 13.25
N GLY B 124 -3.87 -12.80 12.13
CA GLY B 124 -3.12 -11.75 11.44
C GLY B 124 -3.80 -11.29 10.16
N CYS B 125 -3.05 -10.50 9.36
CA CYS B 125 -3.52 -10.01 8.07
C CYS B 125 -2.36 -9.96 7.09
N VAL B 126 -2.70 -10.10 5.80
CA VAL B 126 -1.78 -9.84 4.70
C VAL B 126 -1.71 -8.32 4.50
N THR B 127 -0.48 -7.79 4.29
CA THR B 127 -0.25 -6.36 4.10
C THR B 127 0.58 -6.16 2.85
N SER B 128 0.87 -4.89 2.50
CA SER B 128 1.56 -4.56 1.26
C SER B 128 3.08 -4.61 1.42
N GLY B 129 3.55 -4.82 2.65
CA GLY B 129 4.95 -4.76 2.99
C GLY B 129 5.16 -4.61 4.51
N GLY B 130 6.43 -4.74 4.92
CA GLY B 130 6.87 -4.65 6.30
C GLY B 130 6.48 -3.34 6.97
N THR B 131 6.58 -2.24 6.22
CA THR B 131 6.21 -0.92 6.71
C THR B 131 4.74 -0.94 7.18
N GLU B 132 3.83 -1.38 6.28
CA GLU B 132 2.40 -1.44 6.61
C GLU B 132 2.20 -2.40 7.78
N SER B 133 2.94 -3.53 7.76
CA SER B 133 2.87 -4.45 8.90
C SER B 133 3.22 -3.74 10.23
N ILE B 134 4.30 -2.95 10.22
CA ILE B 134 4.71 -2.22 11.40
C ILE B 134 3.70 -1.16 11.84
N LEU B 135 3.23 -0.36 10.86
CA LEU B 135 2.30 0.73 11.10
C LEU B 135 1.01 0.19 11.73
N MET B 136 0.50 -0.92 11.15
CA MET B 136 -0.72 -1.55 11.64
C MET B 136 -0.62 -1.90 13.14
N ALA B 137 0.51 -2.50 13.57
CA ALA B 137 0.66 -2.89 14.97
C ALA B 137 0.74 -1.64 15.86
N CYS B 138 1.56 -0.67 15.41
CA CYS B 138 1.72 0.56 16.15
C CYS B 138 0.34 1.20 16.37
N LYS B 139 -0.45 1.32 15.28
CA LYS B 139 -1.80 1.89 15.37
C LYS B 139 -2.71 1.09 16.32
N ALA B 140 -2.69 -0.25 16.20
CA ALA B 140 -3.40 -1.12 17.13
C ALA B 140 -3.06 -0.78 18.58
N TYR B 141 -1.74 -0.65 18.89
CA TYR B 141 -1.30 -0.44 20.26
C TYR B 141 -1.58 0.99 20.75
N ARG B 142 -1.47 1.99 19.86
CA ARG B 142 -1.95 3.35 20.15
C ARG B 142 -3.43 3.35 20.56
N ASP B 143 -4.30 2.70 19.75
CA ASP B 143 -5.73 2.67 20.08
C ASP B 143 -6.01 1.94 21.39
N LEU B 144 -5.23 0.90 21.73
CA LEU B 144 -5.41 0.22 23.02
C LEU B 144 -5.00 1.15 24.17
N ALA B 145 -3.86 1.84 24.01
CA ALA B 145 -3.40 2.79 25.01
C ALA B 145 -4.42 3.90 25.22
N PHE B 146 -4.95 4.47 24.11
CA PHE B 146 -5.99 5.47 24.20
C PHE B 146 -7.11 4.95 25.08
N GLU B 147 -7.58 3.74 24.76
CA GLU B 147 -8.64 3.13 25.54
C GLU B 147 -8.29 2.99 27.03
N LYS B 148 -7.01 3.07 27.43
CA LYS B 148 -6.62 2.97 28.83
C LYS B 148 -6.26 4.34 29.39
N GLY B 149 -6.67 5.40 28.68
CA GLY B 149 -6.51 6.74 29.18
C GLY B 149 -5.11 7.30 28.95
N ILE B 150 -4.31 6.70 28.05
CA ILE B 150 -3.00 7.27 27.75
C ILE B 150 -3.17 8.31 26.65
N LYS B 151 -2.71 9.55 26.90
CA LYS B 151 -3.04 10.69 26.08
C LYS B 151 -2.10 10.74 24.88
N THR B 152 -0.79 10.66 25.14
CA THR B 152 0.18 10.51 24.05
C THR B 152 0.97 9.22 24.27
N PRO B 153 0.58 8.12 23.56
CA PRO B 153 1.28 6.85 23.66
C PRO B 153 2.74 6.95 23.18
N GLU B 154 3.62 6.17 23.83
CA GLU B 154 5.01 6.10 23.42
C GLU B 154 5.38 4.71 22.92
N ILE B 155 6.20 4.69 21.87
CA ILE B 155 6.89 3.50 21.39
C ILE B 155 8.27 3.51 22.03
N VAL B 156 8.66 2.38 22.64
CA VAL B 156 10.02 2.24 23.14
C VAL B 156 10.72 1.15 22.32
N ALA B 157 11.81 1.59 21.69
CA ALA B 157 12.45 0.85 20.62
C ALA B 157 13.94 0.99 20.76
N PRO B 158 14.75 -0.02 20.33
CA PRO B 158 16.19 0.18 20.18
C PRO B 158 16.49 1.21 19.09
N GLN B 159 17.66 1.85 19.22
CA GLN B 159 18.24 2.70 18.19
C GLN B 159 18.25 2.04 16.80
N SER B 160 18.33 0.71 16.73
CA SER B 160 18.50 -0.05 15.50
C SER B 160 17.17 -0.40 14.81
N ALA B 161 16.04 -0.13 15.48
CA ALA B 161 14.74 -0.52 14.94
C ALA B 161 14.49 0.24 13.65
N HIS B 162 13.64 -0.31 12.77
CA HIS B 162 13.49 0.19 11.39
C HIS B 162 12.91 1.62 11.41
N ALA B 163 13.18 2.37 10.33
CA ALA B 163 12.67 3.72 10.15
C ALA B 163 11.14 3.75 10.18
N ALA B 164 10.50 2.65 9.77
CA ALA B 164 9.05 2.53 9.78
C ALA B 164 8.44 2.81 11.15
N PHE B 165 9.20 2.58 12.23
CA PHE B 165 8.72 2.90 13.56
C PHE B 165 8.65 4.42 13.79
N ASN B 166 9.57 5.19 13.16
CA ASN B 166 9.50 6.64 13.22
C ASN B 166 8.35 7.19 12.36
N LYS B 167 8.15 6.55 11.21
CA LYS B 167 7.02 6.88 10.34
C LYS B 167 5.72 6.67 11.11
N ALA B 168 5.59 5.55 11.84
CA ALA B 168 4.41 5.33 12.65
C ALA B 168 4.26 6.43 13.72
N ALA B 169 5.36 6.80 14.38
CA ALA B 169 5.27 7.88 15.35
C ALA B 169 4.73 9.17 14.72
N SER B 170 5.37 9.56 13.62
CA SER B 170 5.00 10.75 12.85
C SER B 170 3.54 10.72 12.37
N TYR B 171 3.11 9.59 11.78
CA TYR B 171 1.78 9.43 11.26
C TYR B 171 0.74 9.44 12.39
N PHE B 172 0.97 8.60 13.41
CA PHE B 172 -0.11 8.29 14.34
C PHE B 172 -0.07 9.12 15.60
N GLY B 173 0.84 10.10 15.70
CA GLY B 173 0.87 11.01 16.85
C GLY B 173 1.38 10.32 18.12
N MET B 174 2.44 9.50 17.98
CA MET B 174 2.99 8.74 19.09
C MET B 174 4.41 9.22 19.34
N LYS B 175 4.80 9.25 20.61
CA LYS B 175 6.18 9.60 20.93
C LYS B 175 7.01 8.34 20.78
N ILE B 176 8.20 8.47 20.20
CA ILE B 176 9.10 7.29 20.04
C ILE B 176 10.38 7.54 20.82
N VAL B 177 10.71 6.59 21.70
CA VAL B 177 11.97 6.68 22.47
C VAL B 177 12.90 5.59 21.92
N ARG B 178 14.03 5.99 21.37
CA ARG B 178 15.01 4.99 20.92
C ARG B 178 16.07 4.86 22.00
N VAL B 179 16.29 3.64 22.47
CA VAL B 179 17.31 3.38 23.52
C VAL B 179 18.63 2.90 22.89
N PRO B 180 19.77 3.14 23.54
CA PRO B 180 21.06 2.77 22.98
C PRO B 180 21.32 1.26 22.89
N LEU B 181 22.33 0.91 22.11
CA LEU B 181 22.71 -0.50 21.93
C LEU B 181 23.97 -0.83 22.73
N THR B 182 24.23 -2.10 22.94
CA THR B 182 25.47 -2.58 23.53
C THR B 182 26.57 -2.63 22.46
N LYS B 183 27.79 -2.97 22.89
CA LYS B 183 28.96 -3.08 22.03
C LYS B 183 28.72 -4.14 20.95
N MET B 184 27.79 -5.04 21.22
CA MET B 184 27.49 -6.13 20.30
C MET B 184 26.28 -5.79 19.42
N MET B 185 25.77 -4.54 19.52
CA MET B 185 24.71 -3.95 18.70
C MET B 185 23.32 -4.52 19.03
N GLU B 186 23.18 -5.20 20.19
CA GLU B 186 21.89 -5.58 20.75
C GLU B 186 21.35 -4.42 21.57
N VAL B 187 20.03 -4.33 21.72
CA VAL B 187 19.43 -3.35 22.60
C VAL B 187 20.04 -3.51 24.00
N ASP B 188 20.33 -2.37 24.64
CA ASP B 188 20.62 -2.33 26.06
C ASP B 188 19.33 -2.43 26.89
N VAL B 189 19.13 -3.56 27.56
CA VAL B 189 17.85 -3.86 28.19
C VAL B 189 17.64 -3.03 29.46
N ARG B 190 18.73 -2.70 30.15
CA ARG B 190 18.67 -1.86 31.34
C ARG B 190 18.21 -0.47 30.95
N ALA B 191 18.71 0.04 29.82
CA ALA B 191 18.31 1.35 29.34
C ALA B 191 16.86 1.31 28.88
N MET B 192 16.48 0.20 28.21
CA MET B 192 15.09 0.02 27.81
C MET B 192 14.15 0.04 29.02
N ARG B 193 14.53 -0.65 30.11
CA ARG B 193 13.75 -0.56 31.35
C ARG B 193 13.59 0.90 31.80
N ARG B 194 14.64 1.70 31.72
CA ARG B 194 14.58 3.05 32.29
C ARG B 194 13.77 3.98 31.41
N ALA B 195 13.57 3.60 30.12
CA ALA B 195 12.78 4.37 29.17
C ALA B 195 11.27 4.14 29.34
N ILE B 196 10.87 3.09 30.08
CA ILE B 196 9.46 2.76 30.22
C ILE B 196 8.82 3.79 31.16
N SER B 197 7.55 4.13 30.90
CA SER B 197 6.82 5.17 31.62
C SER B 197 5.33 4.84 31.64
N ARG B 198 4.51 5.68 32.29
CA ARG B 198 3.10 5.39 32.42
C ARG B 198 2.42 5.51 31.04
N ASN B 199 3.17 5.99 30.04
CA ASN B 199 2.63 6.30 28.72
C ASN B 199 3.16 5.34 27.66
N THR B 200 3.92 4.32 28.06
CA THR B 200 4.50 3.41 27.10
C THR B 200 3.37 2.53 26.56
N ALA B 201 3.16 2.56 25.25
CA ALA B 201 2.14 1.80 24.56
C ALA B 201 2.69 0.49 23.99
N MET B 202 3.99 0.45 23.65
CA MET B 202 4.56 -0.77 23.09
C MET B 202 6.09 -0.83 23.21
N LEU B 203 6.60 -2.09 23.26
CA LEU B 203 8.02 -2.34 23.16
C LEU B 203 8.29 -2.99 21.82
N VAL B 204 9.53 -2.77 21.31
CA VAL B 204 9.95 -3.33 20.03
C VAL B 204 11.30 -4.01 20.17
N CYS B 205 11.50 -5.13 19.46
CA CYS B 205 12.84 -5.64 19.23
C CYS B 205 12.88 -6.30 17.84
N SER B 206 14.08 -6.58 17.32
CA SER B 206 14.20 -6.92 15.91
C SER B 206 14.94 -8.23 15.77
N THR B 207 14.46 -9.04 14.82
CA THR B 207 14.97 -10.39 14.68
C THR B 207 15.29 -10.67 13.20
N PRO B 208 16.35 -10.08 12.61
CA PRO B 208 17.26 -9.15 13.27
C PRO B 208 17.05 -7.70 12.87
N GLN B 209 17.77 -6.79 13.52
CA GLN B 209 17.80 -5.39 13.08
C GLN B 209 18.50 -5.37 11.73
N PHE B 210 18.10 -4.41 10.86
CA PHE B 210 18.56 -4.30 9.48
C PHE B 210 20.01 -3.80 9.42
N PRO B 211 20.42 -2.74 10.16
CA PRO B 211 21.75 -2.16 10.00
C PRO B 211 22.90 -3.18 10.06
N HIS B 212 22.99 -3.94 11.17
CA HIS B 212 24.11 -4.81 11.47
C HIS B 212 23.72 -6.29 11.47
N GLY B 213 22.41 -6.60 11.27
CA GLY B 213 21.96 -7.99 11.15
C GLY B 213 22.04 -8.80 12.46
N VAL B 214 21.91 -8.10 13.59
CA VAL B 214 21.95 -8.69 14.93
C VAL B 214 20.53 -8.87 15.45
N ILE B 215 20.29 -10.03 16.09
CA ILE B 215 19.01 -10.37 16.69
C ILE B 215 18.98 -9.78 18.10
N ASP B 216 17.92 -9.02 18.40
CA ASP B 216 17.75 -8.54 19.76
C ASP B 216 17.42 -9.71 20.70
N PRO B 217 17.76 -9.62 22.01
CA PRO B 217 17.43 -10.65 22.99
C PRO B 217 15.96 -10.69 23.38
N VAL B 218 15.16 -11.39 22.59
CA VAL B 218 13.72 -11.27 22.73
C VAL B 218 13.28 -11.64 24.15
N PRO B 219 13.74 -12.77 24.74
CA PRO B 219 13.34 -13.15 26.09
C PRO B 219 13.53 -12.09 27.16
N GLU B 220 14.62 -11.31 27.04
CA GLU B 220 14.96 -10.30 28.03
C GLU B 220 14.02 -9.10 27.88
N VAL B 221 13.67 -8.74 26.64
CA VAL B 221 12.74 -7.64 26.39
C VAL B 221 11.34 -8.10 26.80
N ALA B 222 10.99 -9.36 26.54
CA ALA B 222 9.67 -9.89 26.87
C ALA B 222 9.43 -9.93 28.39
N LYS B 223 10.49 -10.24 29.16
CA LYS B 223 10.43 -10.14 30.62
C LYS B 223 9.91 -8.75 31.03
N LEU B 224 10.47 -7.68 30.44
CA LEU B 224 10.02 -6.32 30.74
C LEU B 224 8.55 -6.14 30.32
N ALA B 225 8.19 -6.75 29.19
CA ALA B 225 6.86 -6.60 28.60
C ALA B 225 5.82 -7.20 29.53
N VAL B 226 6.16 -8.35 30.10
CA VAL B 226 5.30 -9.07 31.04
C VAL B 226 5.27 -8.32 32.37
N LYS B 227 6.44 -7.94 32.90
CA LYS B 227 6.48 -7.26 34.18
C LYS B 227 5.69 -5.96 34.16
N TYR B 228 5.83 -5.14 33.10
CA TYR B 228 5.15 -3.84 33.08
C TYR B 228 3.84 -3.88 32.30
N LYS B 229 3.43 -5.06 31.81
CA LYS B 229 2.16 -5.22 31.11
C LYS B 229 2.11 -4.33 29.86
N ILE B 230 3.10 -4.48 28.98
CA ILE B 230 3.22 -3.65 27.78
C ILE B 230 3.26 -4.61 26.60
N PRO B 231 2.47 -4.38 25.54
CA PRO B 231 2.63 -5.16 24.32
C PRO B 231 4.07 -5.15 23.80
N LEU B 232 4.43 -6.23 23.10
CA LEU B 232 5.74 -6.35 22.47
C LEU B 232 5.57 -6.78 21.02
N HIS B 233 6.10 -5.91 20.14
CA HIS B 233 6.14 -6.20 18.72
C HIS B 233 7.53 -6.72 18.35
N VAL B 234 7.57 -7.85 17.65
CA VAL B 234 8.85 -8.34 17.16
C VAL B 234 8.96 -8.05 15.68
N ASP B 235 9.94 -7.21 15.29
CA ASP B 235 10.19 -6.94 13.88
C ASP B 235 11.01 -8.07 13.24
N ALA B 236 10.30 -9.01 12.56
CA ALA B 236 10.89 -10.11 11.81
C ALA B 236 10.66 -9.92 10.30
N CYS B 237 10.46 -8.67 9.87
CA CYS B 237 10.36 -8.35 8.46
C CYS B 237 11.49 -9.01 7.67
N LEU B 238 12.73 -8.70 8.08
CA LEU B 238 13.92 -9.24 7.42
C LEU B 238 14.16 -10.73 7.77
N GLY B 239 14.20 -11.09 9.04
CA GLY B 239 14.64 -12.43 9.38
C GLY B 239 13.58 -13.53 9.27
N GLY B 240 12.31 -13.14 9.26
CA GLY B 240 11.18 -14.05 9.42
C GLY B 240 11.30 -15.39 8.69
N PHE B 241 11.45 -15.35 7.36
CA PHE B 241 11.49 -16.56 6.55
C PHE B 241 12.87 -17.21 6.45
N LEU B 242 13.80 -16.77 7.33
CA LEU B 242 15.03 -17.51 7.65
C LEU B 242 14.94 -18.12 9.04
N ILE B 243 14.63 -17.30 10.06
CA ILE B 243 14.78 -17.68 11.46
C ILE B 243 13.88 -18.86 11.84
N VAL B 244 12.69 -18.87 11.26
CA VAL B 244 11.70 -19.92 11.39
C VAL B 244 12.28 -21.28 10.97
N PHE B 245 13.28 -21.30 10.07
CA PHE B 245 13.79 -22.55 9.52
C PHE B 245 15.18 -22.90 10.03
N MET B 246 15.83 -21.99 10.78
CA MET B 246 17.25 -22.12 11.13
C MET B 246 17.57 -23.45 11.81
N GLU B 247 16.74 -23.83 12.80
CA GLU B 247 16.98 -25.05 13.57
C GLU B 247 16.95 -26.26 12.63
N LYS B 248 15.89 -26.35 11.84
CA LYS B 248 15.75 -27.40 10.86
C LYS B 248 16.90 -27.35 9.84
N ALA B 249 17.45 -26.17 9.57
CA ALA B 249 18.56 -26.01 8.64
C ALA B 249 19.87 -26.46 9.29
N GLY B 250 19.85 -26.67 10.62
CA GLY B 250 21.01 -27.11 11.37
C GLY B 250 21.86 -25.94 11.89
N TYR B 251 21.24 -24.77 11.98
CA TYR B 251 21.91 -23.56 12.46
C TYR B 251 21.16 -22.96 13.64
N PRO B 252 21.07 -23.62 14.80
CA PRO B 252 20.23 -23.11 15.87
C PRO B 252 20.63 -21.71 16.33
N LEU B 253 19.63 -20.91 16.73
CA LEU B 253 19.86 -19.55 17.19
C LEU B 253 20.00 -19.56 18.71
N GLU B 254 20.62 -18.50 19.23
CA GLU B 254 20.80 -18.34 20.67
C GLU B 254 19.46 -18.09 21.36
N HIS B 255 18.58 -17.30 20.75
CA HIS B 255 17.36 -16.91 21.42
C HIS B 255 16.11 -17.34 20.65
N PRO B 256 15.03 -17.73 21.37
CA PRO B 256 13.71 -17.91 20.77
C PRO B 256 13.14 -16.54 20.42
N PHE B 257 12.17 -16.48 19.50
CA PHE B 257 11.75 -15.23 18.89
C PHE B 257 10.25 -15.19 18.58
N ASP B 258 9.50 -16.28 18.80
CA ASP B 258 8.15 -16.43 18.27
C ASP B 258 7.11 -16.32 19.40
N PHE B 259 5.87 -16.72 19.08
CA PHE B 259 4.77 -16.55 20.01
C PHE B 259 4.91 -17.44 21.23
N ARG B 260 5.78 -18.46 21.17
CA ARG B 260 6.04 -19.27 22.36
C ARG B 260 6.67 -18.42 23.45
N VAL B 261 7.20 -17.23 23.14
CA VAL B 261 7.82 -16.39 24.17
C VAL B 261 6.75 -15.53 24.82
N LYS B 262 6.48 -15.77 26.10
CA LYS B 262 5.42 -15.07 26.84
C LYS B 262 5.69 -13.56 26.86
N GLY B 263 4.71 -12.84 26.32
CA GLY B 263 4.73 -11.40 26.28
C GLY B 263 4.84 -10.85 24.87
N VAL B 264 5.26 -11.71 23.92
CA VAL B 264 5.32 -11.32 22.52
C VAL B 264 3.88 -11.21 22.05
N THR B 265 3.43 -10.01 21.60
CA THR B 265 2.00 -9.82 21.31
C THR B 265 1.75 -9.69 19.82
N SER B 266 2.76 -9.20 19.06
CA SER B 266 2.70 -9.24 17.61
C SER B 266 4.07 -9.48 16.95
N ILE B 267 4.04 -10.03 15.72
CA ILE B 267 5.21 -10.20 14.86
C ILE B 267 4.91 -9.66 13.46
N SER B 268 5.89 -8.93 12.86
CA SER B 268 5.88 -8.63 11.43
C SER B 268 6.89 -9.49 10.67
N ALA B 269 6.52 -9.92 9.45
CA ALA B 269 7.38 -10.77 8.63
C ALA B 269 7.08 -10.63 7.13
N ASP B 270 8.18 -10.42 6.34
CA ASP B 270 8.04 -10.14 4.90
C ASP B 270 8.23 -11.40 4.07
N THR B 271 7.10 -11.92 3.59
CA THR B 271 7.09 -12.94 2.54
C THR B 271 7.88 -12.45 1.34
N HIS B 272 7.81 -11.14 1.07
CA HIS B 272 8.48 -10.58 -0.10
C HIS B 272 10.00 -10.43 0.13
N TYR B 274 12.60 -13.20 2.31
CA TYR B 274 13.06 -14.57 2.18
C TYR B 274 11.91 -15.58 2.04
N GLY B 275 10.66 -15.11 1.83
CA GLY B 275 9.57 -15.96 1.37
C GLY B 275 9.61 -16.16 -0.14
N TYR B 276 10.43 -15.32 -0.82
CA TYR B 276 10.58 -15.29 -2.27
C TYR B 276 9.22 -14.97 -2.90
N ALA B 277 8.36 -14.23 -2.16
CA ALA B 277 7.08 -13.79 -2.70
C ALA B 277 7.30 -12.51 -3.50
N PRO B 278 6.41 -12.17 -4.46
CA PRO B 278 6.55 -10.92 -5.22
C PRO B 278 6.49 -9.71 -4.28
N LYS B 279 7.01 -8.57 -4.75
CA LYS B 279 6.99 -7.34 -3.96
C LYS B 279 5.53 -6.98 -3.71
N GLY B 280 5.27 -6.34 -2.57
CA GLY B 280 3.94 -5.91 -2.20
C GLY B 280 3.21 -6.92 -1.34
N SER B 281 3.98 -7.69 -0.54
CA SER B 281 3.46 -8.75 0.31
C SER B 281 4.21 -8.90 1.65
N SER B 282 3.43 -8.93 2.73
CA SER B 282 3.98 -9.08 4.07
C SER B 282 2.86 -9.55 5.02
N LEU B 283 3.23 -9.92 6.25
CA LEU B 283 2.28 -10.27 7.28
C LEU B 283 2.53 -9.47 8.55
N VAL B 284 1.41 -9.08 9.18
CA VAL B 284 1.33 -8.75 10.59
C VAL B 284 0.54 -9.85 11.30
N LEU B 285 1.17 -10.48 12.31
CA LEU B 285 0.58 -11.56 13.10
C LEU B 285 0.46 -11.07 14.53
N TYR B 286 -0.62 -11.46 15.23
CA TYR B 286 -0.87 -11.15 16.65
C TYR B 286 -1.16 -12.43 17.44
N SER B 287 -0.83 -12.36 18.76
CA SER B 287 -1.02 -13.48 19.66
C SER B 287 -2.50 -13.77 19.88
N ASP B 288 -3.35 -12.77 19.66
CA ASP B 288 -4.77 -12.84 20.03
C ASP B 288 -5.55 -11.84 19.19
N LYS B 289 -6.75 -12.22 18.73
CA LYS B 289 -7.66 -11.37 17.97
C LYS B 289 -8.01 -10.08 18.70
N LYS B 290 -8.03 -10.14 20.02
CA LYS B 290 -8.37 -8.98 20.83
C LYS B 290 -7.42 -7.82 20.47
N TYR B 291 -6.14 -8.13 20.13
CA TYR B 291 -5.17 -7.12 19.70
C TYR B 291 -5.47 -6.65 18.28
N ARG B 292 -5.72 -7.61 17.38
CA ARG B 292 -5.87 -7.31 15.97
C ARG B 292 -7.06 -6.37 15.77
N ASN B 293 -8.11 -6.57 16.59
CA ASN B 293 -9.31 -5.74 16.53
C ASN B 293 -8.99 -4.26 16.49
N TYR B 294 -7.97 -3.84 17.26
CA TYR B 294 -7.70 -2.41 17.37
C TYR B 294 -7.06 -1.84 16.10
N GLN B 295 -6.55 -2.70 15.20
CA GLN B 295 -5.90 -2.24 13.97
C GLN B 295 -6.93 -1.93 12.89
N PHE B 296 -8.13 -2.53 13.01
CA PHE B 296 -9.22 -2.40 12.05
C PHE B 296 -9.74 -0.96 11.97
N PHE B 297 -10.27 -0.55 10.80
CA PHE B 297 -11.01 0.71 10.66
C PHE B 297 -12.46 0.40 10.29
N VAL B 298 -13.39 1.01 11.06
CA VAL B 298 -14.84 0.86 10.92
C VAL B 298 -15.49 2.24 10.87
N ASP B 299 -16.25 2.51 9.80
CA ASP B 299 -17.19 3.60 9.64
C ASP B 299 -18.60 3.04 9.40
N THR B 300 -19.43 3.06 10.45
CA THR B 300 -20.74 2.43 10.41
C THR B 300 -21.75 3.36 9.72
N ASP B 301 -21.41 4.64 9.54
CA ASP B 301 -22.39 5.67 9.22
C ASP B 301 -22.23 6.22 7.80
N TRP B 302 -21.26 5.72 7.01
CA TRP B 302 -20.93 6.30 5.72
C TRP B 302 -22.09 6.13 4.74
N GLN B 303 -22.43 7.21 4.02
CA GLN B 303 -23.47 7.18 3.01
C GLN B 303 -23.26 6.04 2.01
N GLY B 304 -21.99 5.70 1.73
CA GLY B 304 -21.66 4.72 0.72
C GLY B 304 -21.80 3.28 1.21
N GLY B 305 -22.23 3.12 2.47
CA GLY B 305 -22.45 1.79 3.03
C GLY B 305 -21.62 1.62 4.28
N ILE B 306 -21.92 0.57 5.06
CA ILE B 306 -21.11 0.28 6.24
C ILE B 306 -19.70 -0.03 5.76
N TYR B 307 -18.70 0.72 6.22
CA TYR B 307 -17.36 0.56 5.68
C TYR B 307 -16.43 0.04 6.77
N ALA B 308 -15.75 -1.08 6.48
CA ALA B 308 -14.84 -1.71 7.42
C ALA B 308 -13.64 -2.24 6.64
N SER B 309 -12.43 -1.74 6.93
CA SER B 309 -11.25 -2.27 6.29
C SER B 309 -10.29 -2.85 7.33
N PRO B 310 -9.65 -3.99 7.02
CA PRO B 310 -8.74 -4.61 7.97
C PRO B 310 -7.36 -3.93 8.02
N THR B 311 -6.94 -3.28 6.94
CA THR B 311 -5.61 -2.69 6.84
C THR B 311 -5.73 -1.26 6.30
N ILE B 312 -4.63 -0.69 5.81
CA ILE B 312 -4.55 0.71 5.40
C ILE B 312 -5.32 0.95 4.11
N ALA B 313 -5.11 0.08 3.12
CA ALA B 313 -5.66 0.23 1.78
C ALA B 313 -7.16 -0.05 1.77
N GLY B 314 -7.83 0.40 0.71
CA GLY B 314 -9.15 -0.12 0.40
C GLY B 314 -8.98 -1.23 -0.63
N SER B 315 -9.08 -0.88 -1.91
CA SER B 315 -8.72 -1.75 -3.01
C SER B 315 -7.30 -2.23 -2.83
N ARG B 316 -7.09 -3.54 -3.05
CA ARG B 316 -5.75 -4.12 -3.07
C ARG B 316 -5.56 -5.05 -4.27
N PRO B 317 -4.31 -5.29 -4.69
CA PRO B 317 -4.03 -6.22 -5.79
C PRO B 317 -4.02 -7.68 -5.34
N GLY B 318 -5.15 -8.36 -5.50
CA GLY B 318 -5.25 -9.77 -5.17
C GLY B 318 -4.26 -10.67 -5.92
N GLY B 319 -3.89 -10.30 -7.15
CA GLY B 319 -2.86 -11.04 -7.88
C GLY B 319 -1.61 -11.32 -7.03
N ILE B 320 -1.21 -10.33 -6.22
CA ILE B 320 0.02 -10.43 -5.45
C ILE B 320 -0.14 -11.52 -4.37
N SER B 321 -1.34 -11.56 -3.77
CA SER B 321 -1.67 -12.53 -2.74
C SER B 321 -1.65 -13.94 -3.34
N ALA B 322 -2.26 -14.10 -4.52
CA ALA B 322 -2.18 -15.38 -5.23
C ALA B 322 -0.73 -15.83 -5.43
N ALA B 323 0.14 -14.92 -5.89
CA ALA B 323 1.54 -15.24 -6.17
C ALA B 323 2.30 -15.59 -4.89
N CYS B 324 1.97 -14.86 -3.78
CA CYS B 324 2.58 -15.11 -2.47
C CYS B 324 2.23 -16.52 -1.96
N TRP B 325 0.94 -16.88 -2.06
CA TRP B 325 0.50 -18.25 -1.81
C TRP B 325 1.24 -19.25 -2.70
N ALA B 326 1.41 -18.89 -3.99
CA ALA B 326 2.14 -19.79 -4.89
C ALA B 326 3.59 -20.02 -4.39
N ALA B 327 4.33 -18.95 -4.05
CA ALA B 327 5.70 -19.08 -3.55
C ALA B 327 5.77 -20.09 -2.39
N LEU B 328 4.89 -19.89 -1.39
CA LEU B 328 4.86 -20.70 -0.20
C LEU B 328 4.59 -22.16 -0.53
N MET B 329 3.57 -22.40 -1.35
CA MET B 329 3.20 -23.78 -1.66
C MET B 329 4.27 -24.41 -2.53
N HIS B 330 5.01 -23.60 -3.31
CA HIS B 330 6.04 -24.12 -4.19
C HIS B 330 7.30 -24.50 -3.40
N PHE B 331 7.72 -23.63 -2.47
CA PHE B 331 8.92 -23.96 -1.73
C PHE B 331 8.62 -25.11 -0.76
N GLY B 332 7.53 -24.98 -0.01
CA GLY B 332 7.24 -25.85 1.13
C GLY B 332 8.30 -25.74 2.22
N GLU B 333 8.19 -26.62 3.22
CA GLU B 333 9.15 -26.71 4.31
C GLU B 333 10.54 -27.07 3.76
N ASN B 334 10.57 -28.09 2.90
CA ASN B 334 11.82 -28.62 2.37
C ASN B 334 12.55 -27.57 1.52
N GLY B 335 11.78 -26.77 0.78
CA GLY B 335 12.38 -25.72 -0.04
C GLY B 335 12.99 -24.57 0.75
N TYR B 336 12.27 -24.08 1.78
CA TYR B 336 12.76 -22.99 2.63
C TYR B 336 13.90 -23.43 3.52
N VAL B 337 13.88 -24.69 3.97
CA VAL B 337 15.00 -25.22 4.78
C VAL B 337 16.27 -25.24 3.94
N GLU B 338 16.13 -25.72 2.68
CA GLU B 338 17.27 -25.81 1.77
C GLU B 338 17.74 -24.40 1.41
N ALA B 339 16.80 -23.48 1.07
CA ALA B 339 17.19 -22.11 0.77
C ALA B 339 17.90 -21.50 1.96
N THR B 340 17.41 -21.77 3.20
CA THR B 340 18.03 -21.21 4.41
C THR B 340 19.46 -21.75 4.59
N LYS B 341 19.61 -23.09 4.47
CA LYS B 341 20.93 -23.73 4.52
C LYS B 341 21.92 -23.02 3.61
N GLN B 342 21.55 -22.78 2.35
CA GLN B 342 22.50 -22.17 1.42
C GLN B 342 22.84 -20.70 1.77
N ILE B 343 21.81 -19.90 2.08
CA ILE B 343 22.11 -18.53 2.49
C ILE B 343 23.04 -18.53 3.70
N ILE B 344 22.73 -19.35 4.73
CA ILE B 344 23.52 -19.30 5.97
C ILE B 344 24.95 -19.82 5.79
N LYS B 345 25.14 -20.89 4.99
CA LYS B 345 26.48 -21.40 4.68
C LYS B 345 27.33 -20.25 4.11
N THR B 346 26.73 -19.52 3.16
CA THR B 346 27.40 -18.43 2.46
C THR B 346 27.78 -17.34 3.46
N ALA B 347 26.80 -16.94 4.27
CA ALA B 347 27.04 -15.86 5.25
C ALA B 347 28.10 -16.23 6.28
N ARG B 348 28.13 -17.50 6.72
CA ARG B 348 29.08 -17.90 7.75
C ARG B 348 30.50 -17.96 7.17
N PHE B 349 30.60 -18.39 5.91
CA PHE B 349 31.86 -18.37 5.19
C PHE B 349 32.38 -16.94 5.04
N LEU B 350 31.51 -16.06 4.53
CA LEU B 350 31.92 -14.68 4.30
C LEU B 350 32.32 -14.01 5.61
N LYS B 351 31.53 -14.26 6.67
CA LYS B 351 31.80 -13.60 7.95
C LYS B 351 33.17 -14.05 8.49
N SER B 352 33.49 -15.35 8.41
CA SER B 352 34.75 -15.78 8.98
C SER B 352 35.93 -15.23 8.17
N GLU B 353 35.82 -15.19 6.84
CA GLU B 353 36.85 -14.54 6.03
C GLU B 353 36.98 -13.05 6.36
N LEU B 354 35.84 -12.34 6.43
CA LEU B 354 35.84 -10.88 6.59
C LEU B 354 36.38 -10.49 7.96
N GLU B 355 36.46 -11.47 8.86
CA GLU B 355 37.07 -11.20 10.16
C GLU B 355 38.59 -11.30 10.12
N ASN B 356 39.19 -11.81 9.04
CA ASN B 356 40.64 -11.99 8.99
C ASN B 356 41.25 -11.06 7.94
N ILE B 357 40.73 -9.84 7.85
CA ILE B 357 41.25 -8.84 6.93
C ILE B 357 41.66 -7.63 7.76
N LYS B 358 42.96 -7.30 7.74
CA LYS B 358 43.48 -6.13 8.44
C LYS B 358 42.86 -4.88 7.78
N GLY B 359 42.35 -3.98 8.63
CA GLY B 359 41.87 -2.68 8.20
C GLY B 359 40.37 -2.51 8.36
N ILE B 360 39.66 -3.61 8.66
CA ILE B 360 38.23 -3.61 8.87
C ILE B 360 37.87 -4.54 10.04
N PHE B 361 36.65 -4.38 10.52
CA PHE B 361 36.05 -5.31 11.45
C PHE B 361 34.59 -5.51 11.08
N VAL B 362 33.98 -6.56 11.65
CA VAL B 362 32.55 -6.82 11.52
C VAL B 362 31.87 -6.30 12.79
N PHE B 363 30.74 -5.61 12.64
CA PHE B 363 29.99 -5.19 13.82
C PHE B 363 29.23 -6.37 14.46
N GLY B 364 29.40 -6.57 15.77
CA GLY B 364 28.71 -7.62 16.51
C GLY B 364 29.04 -9.03 16.01
N ASN B 365 28.09 -9.95 16.15
CA ASN B 365 28.28 -11.34 15.79
C ASN B 365 27.09 -11.82 14.96
N PRO B 366 26.95 -11.36 13.70
CA PRO B 366 25.77 -11.67 12.87
C PRO B 366 25.60 -13.14 12.55
N GLN B 367 24.37 -13.65 12.74
CA GLN B 367 24.08 -15.08 12.63
C GLN B 367 23.14 -15.33 11.44
N LEU B 368 22.74 -14.28 10.73
CA LEU B 368 21.84 -14.42 9.60
C LEU B 368 22.52 -13.92 8.33
N SER B 369 21.80 -13.14 7.52
CA SER B 369 22.15 -12.93 6.12
C SER B 369 22.85 -11.60 5.91
N VAL B 370 22.94 -10.79 6.97
CA VAL B 370 23.47 -9.44 6.88
C VAL B 370 24.79 -9.37 7.63
N ILE B 371 25.79 -8.72 7.01
CA ILE B 371 27.07 -8.44 7.67
C ILE B 371 27.36 -6.95 7.49
N ALA B 372 27.58 -6.26 8.63
CA ALA B 372 28.02 -4.87 8.64
C ALA B 372 29.52 -4.76 9.00
N LEU B 373 30.23 -3.90 8.26
CA LEU B 373 31.66 -3.64 8.40
C LEU B 373 31.92 -2.20 8.83
N GLY B 374 32.98 -2.06 9.65
CA GLY B 374 33.59 -0.78 9.97
C GLY B 374 35.09 -0.82 9.74
N SER B 375 35.73 0.34 9.93
CA SER B 375 37.19 0.48 9.94
C SER B 375 37.55 1.48 11.03
N ARG B 376 38.54 1.10 11.86
CA ARG B 376 39.17 2.00 12.81
C ARG B 376 40.36 2.69 12.15
N ASP B 377 40.68 2.28 10.89
CA ASP B 377 41.91 2.62 10.20
C ASP B 377 41.69 3.62 9.05
N PHE B 378 40.53 3.59 8.41
CA PHE B 378 40.20 4.56 7.38
C PHE B 378 38.71 4.83 7.40
N ASP B 379 38.27 5.75 6.53
CA ASP B 379 36.87 6.03 6.32
C ASP B 379 36.23 4.90 5.51
N ILE B 380 35.37 4.12 6.19
CA ILE B 380 34.69 2.95 5.63
C ILE B 380 33.90 3.28 4.36
N TYR B 381 33.42 4.51 4.19
CA TYR B 381 32.69 4.90 2.98
C TYR B 381 33.59 4.84 1.75
N ARG B 382 34.92 4.90 1.94
CA ARG B 382 35.83 4.69 0.82
C ARG B 382 35.60 3.28 0.25
N LEU B 383 35.37 2.31 1.13
CA LEU B 383 35.16 0.95 0.66
C LEU B 383 33.85 0.83 -0.13
N SER B 384 32.79 1.53 0.30
CA SER B 384 31.53 1.47 -0.42
C SER B 384 31.71 2.18 -1.77
N ASN B 385 32.40 3.34 -1.77
CA ASN B 385 32.71 4.04 -3.01
C ASN B 385 33.47 3.12 -3.97
N LEU B 386 34.54 2.46 -3.49
CA LEU B 386 35.36 1.60 -4.33
C LEU B 386 34.53 0.42 -4.85
N MET B 387 33.83 -0.29 -3.96
CA MET B 387 33.07 -1.46 -4.39
C MET B 387 31.96 -1.07 -5.38
N THR B 388 31.36 0.10 -5.16
CA THR B 388 30.40 0.58 -6.15
C THR B 388 31.07 0.63 -7.53
N ALA B 389 32.33 1.11 -7.56
CA ALA B 389 33.08 1.27 -8.80
C ALA B 389 33.30 -0.08 -9.48
N LYS B 390 33.43 -1.17 -8.69
CA LYS B 390 33.72 -2.49 -9.23
C LYS B 390 32.42 -3.24 -9.45
N GLY B 391 31.30 -2.53 -9.31
CA GLY B 391 30.03 -3.05 -9.75
C GLY B 391 29.25 -3.72 -8.62
N TRP B 392 29.54 -3.34 -7.36
CA TRP B 392 28.80 -3.90 -6.23
C TRP B 392 27.89 -2.84 -5.63
N ASN B 393 26.72 -3.23 -5.10
CA ASN B 393 25.87 -2.26 -4.43
C ASN B 393 25.68 -2.68 -2.97
N LEU B 394 26.36 -1.98 -2.06
CA LEU B 394 26.22 -2.24 -0.63
C LEU B 394 25.34 -1.16 -0.02
N ASN B 395 24.84 -1.40 1.20
CA ASN B 395 24.09 -0.37 1.92
C ASN B 395 25.01 0.43 2.85
N GLN B 396 24.76 1.74 2.92
CA GLN B 396 25.55 2.68 3.69
C GLN B 396 24.77 3.10 4.93
N LEU B 397 25.35 2.80 6.11
CA LEU B 397 24.70 3.04 7.38
C LEU B 397 25.31 4.30 8.00
N GLN B 398 24.89 4.61 9.24
CA GLN B 398 25.43 5.74 9.99
C GLN B 398 25.17 5.53 11.48
N PHE B 399 25.82 6.35 12.31
CA PHE B 399 25.64 6.39 13.75
C PHE B 399 25.69 4.99 14.32
N PRO B 400 26.82 4.23 14.24
CA PRO B 400 28.10 4.71 13.73
C PRO B 400 28.40 4.43 12.26
N PRO B 401 29.47 5.04 11.70
CA PRO B 401 29.83 4.83 10.30
C PRO B 401 30.05 3.37 9.94
N SER B 402 29.39 2.90 8.89
CA SER B 402 29.34 1.48 8.58
C SER B 402 28.75 1.25 7.20
N ILE B 403 29.07 0.08 6.65
CA ILE B 403 28.38 -0.40 5.46
C ILE B 403 27.94 -1.84 5.68
N HIS B 404 26.89 -2.32 4.99
CA HIS B 404 26.52 -3.74 5.08
C HIS B 404 26.26 -4.34 3.69
N PHE B 405 26.24 -5.68 3.63
CA PHE B 405 25.72 -6.46 2.50
C PHE B 405 24.70 -7.45 3.06
N CYS B 406 23.59 -7.64 2.32
CA CYS B 406 22.59 -8.65 2.65
C CYS B 406 22.61 -9.77 1.60
N ILE B 407 22.90 -11.01 2.08
CA ILE B 407 22.97 -12.23 1.28
C ILE B 407 21.57 -12.82 0.99
N THR B 408 21.32 -13.10 -0.30
CA THR B 408 20.06 -13.62 -0.79
C THR B 408 20.30 -14.94 -1.51
N LEU B 409 19.18 -15.62 -1.84
CA LEU B 409 19.24 -16.89 -2.54
C LEU B 409 19.99 -16.67 -3.85
N LEU B 410 19.65 -15.57 -4.53
CA LEU B 410 20.36 -15.13 -5.73
C LEU B 410 21.89 -15.21 -5.55
N HIS B 411 22.41 -14.75 -4.41
CA HIS B 411 23.86 -14.65 -4.24
C HIS B 411 24.46 -16.05 -4.08
N ALA B 412 23.70 -16.96 -3.43
CA ALA B 412 24.16 -18.32 -3.18
C ALA B 412 24.10 -19.11 -4.49
N ARG B 413 23.01 -18.92 -5.23
CA ARG B 413 22.78 -19.57 -6.52
C ARG B 413 23.90 -19.18 -7.48
N LYS B 414 24.21 -17.87 -7.55
CA LYS B 414 25.20 -17.39 -8.52
C LYS B 414 26.64 -17.53 -8.01
N ARG B 415 26.82 -17.80 -6.70
CA ARG B 415 28.15 -18.12 -6.16
C ARG B 415 29.09 -16.91 -6.27
N VAL B 416 28.61 -15.72 -5.85
CA VAL B 416 29.36 -14.48 -6.02
C VAL B 416 30.33 -14.25 -4.85
N ALA B 417 30.27 -15.15 -3.87
CA ALA B 417 30.93 -15.00 -2.57
C ALA B 417 32.45 -14.81 -2.73
N ILE B 418 33.06 -15.64 -3.61
CA ILE B 418 34.49 -15.62 -3.89
C ILE B 418 34.87 -14.25 -4.48
N GLN B 419 34.09 -13.79 -5.47
CA GLN B 419 34.49 -12.58 -6.18
C GLN B 419 34.28 -11.38 -5.28
N PHE B 420 33.22 -11.44 -4.44
CA PHE B 420 32.94 -10.41 -3.45
C PHE B 420 34.17 -10.20 -2.55
N LEU B 421 34.57 -11.27 -1.86
CA LEU B 421 35.78 -11.30 -1.04
C LEU B 421 37.00 -10.70 -1.74
N LYS B 422 37.33 -11.22 -2.93
CA LYS B 422 38.51 -10.76 -3.64
C LYS B 422 38.48 -9.24 -3.82
N ASP B 423 37.32 -8.73 -4.29
CA ASP B 423 37.14 -7.29 -4.46
C ASP B 423 37.20 -6.56 -3.12
N ILE B 424 36.73 -7.18 -2.02
CA ILE B 424 36.86 -6.52 -0.71
C ILE B 424 38.34 -6.41 -0.34
N ARG B 425 39.10 -7.50 -0.53
CA ARG B 425 40.51 -7.55 -0.17
C ARG B 425 41.32 -6.56 -1.00
N GLU B 426 41.12 -6.59 -2.32
CA GLU B 426 41.85 -5.68 -3.19
C GLU B 426 41.52 -4.23 -2.82
N SER B 427 40.22 -3.90 -2.65
CA SER B 427 39.84 -2.54 -2.29
C SER B 427 40.55 -2.08 -1.01
N VAL B 428 40.57 -2.96 0.00
CA VAL B 428 41.10 -2.53 1.29
C VAL B 428 42.60 -2.25 1.17
N THR B 429 43.32 -3.08 0.42
CA THR B 429 44.76 -2.90 0.21
C THR B 429 45.03 -1.56 -0.48
N GLN B 430 44.15 -1.18 -1.42
CA GLN B 430 44.33 0.05 -2.18
C GLN B 430 44.11 1.27 -1.27
N ILE B 431 42.94 1.31 -0.61
CA ILE B 431 42.61 2.32 0.40
C ILE B 431 43.74 2.44 1.44
N MET B 432 44.23 1.28 1.89
CA MET B 432 45.23 1.24 2.94
C MET B 432 46.53 1.88 2.47
N LYS B 433 46.82 1.86 1.17
CA LYS B 433 48.03 2.54 0.72
C LYS B 433 47.93 4.03 1.01
N ASN B 434 46.71 4.56 1.10
CA ASN B 434 46.46 5.99 1.23
C ASN B 434 45.40 6.28 2.29
N PRO B 435 45.57 5.78 3.55
CA PRO B 435 44.47 5.68 4.52
C PRO B 435 43.81 7.01 4.91
N LYS B 436 44.55 8.12 4.75
CA LYS B 436 44.06 9.43 5.13
C LYS B 436 43.64 10.27 3.91
N ALA B 437 43.80 9.74 2.67
CA ALA B 437 43.36 10.45 1.47
C ALA B 437 41.86 10.75 1.52
N LYS B 438 41.48 12.03 1.41
CA LYS B 438 40.11 12.50 1.68
C LYS B 438 39.11 11.68 0.86
N THR B 439 37.87 11.59 1.36
CA THR B 439 36.83 10.72 0.81
C THR B 439 35.91 11.54 -0.10
N THR B 440 35.49 10.93 -1.21
CA THR B 440 34.86 11.67 -2.29
C THR B 440 33.47 11.10 -2.59
N GLY B 441 32.73 11.84 -3.42
CA GLY B 441 31.43 11.40 -3.92
C GLY B 441 30.42 11.12 -2.81
N MET B 442 29.60 10.09 -3.04
CA MET B 442 28.53 9.70 -2.13
C MET B 442 29.04 9.44 -0.72
N GLY B 443 30.17 8.72 -0.63
CA GLY B 443 30.83 8.40 0.62
C GLY B 443 31.02 9.64 1.48
N ALA B 444 31.35 10.76 0.80
CA ALA B 444 31.62 12.05 1.44
C ALA B 444 30.35 12.59 2.09
N ILE B 445 29.24 12.47 1.33
CA ILE B 445 27.95 12.96 1.79
C ILE B 445 27.50 12.20 3.03
N TYR B 446 27.65 10.86 3.03
CA TYR B 446 27.22 10.05 4.16
C TYR B 446 28.08 10.34 5.38
N GLY B 447 29.37 10.65 5.16
CA GLY B 447 30.24 11.05 6.26
C GLY B 447 29.84 12.40 6.84
N MET B 448 29.75 13.40 5.95
CA MET B 448 29.50 14.75 6.40
C MET B 448 28.11 14.88 7.03
N ALA B 449 27.14 14.14 6.46
CA ALA B 449 25.77 14.13 6.96
C ALA B 449 25.74 13.80 8.44
N GLN B 450 26.62 12.88 8.87
CA GLN B 450 26.61 12.43 10.26
C GLN B 450 27.17 13.50 11.18
N THR B 451 28.09 14.34 10.67
CA THR B 451 28.75 15.34 11.50
C THR B 451 27.97 16.65 11.47
N THR B 452 27.17 16.89 10.42
CA THR B 452 26.35 18.10 10.33
C THR B 452 25.42 18.23 11.56
N VAL B 453 25.60 19.35 12.29
CA VAL B 453 24.81 19.64 13.49
C VAL B 453 23.41 20.18 13.12
N ASP B 454 23.28 20.85 11.97
CA ASP B 454 21.96 21.26 11.48
C ASP B 454 21.30 20.10 10.70
N ARG B 455 20.40 19.40 11.40
CA ARG B 455 19.75 18.20 10.91
C ARG B 455 18.85 18.55 9.71
N ASN B 456 18.28 19.76 9.73
CA ASN B 456 17.38 20.22 8.68
C ASN B 456 18.14 20.36 7.36
N MET B 457 19.46 20.64 7.42
CA MET B 457 20.26 20.64 6.20
C MET B 457 20.07 19.28 5.51
N VAL B 458 20.21 18.22 6.31
CA VAL B 458 20.19 16.85 5.80
C VAL B 458 18.78 16.56 5.28
N ALA B 459 17.77 16.93 6.08
CA ALA B 459 16.38 16.78 5.72
C ALA B 459 16.07 17.44 4.38
N GLU B 460 16.61 18.66 4.17
CA GLU B 460 16.38 19.42 2.95
C GLU B 460 17.09 18.76 1.77
N LEU B 461 18.26 18.18 2.05
CA LEU B 461 18.97 17.38 1.07
C LEU B 461 18.15 16.17 0.61
N SER B 462 17.46 15.51 1.56
CA SER B 462 16.59 14.38 1.23
C SER B 462 15.42 14.78 0.35
N SER B 463 14.74 15.89 0.70
N SER B 463 14.73 15.88 0.71
CA SER B 463 13.58 16.38 -0.04
CA SER B 463 13.57 16.36 -0.04
C SER B 463 13.92 16.67 -1.49
C SER B 463 13.94 16.63 -1.50
N VAL B 464 15.15 17.17 -1.73
CA VAL B 464 15.68 17.36 -3.07
C VAL B 464 15.83 15.99 -3.77
N PHE B 465 16.39 15.00 -3.07
CA PHE B 465 16.50 13.66 -3.62
C PHE B 465 15.12 13.09 -3.99
N LEU B 466 14.12 13.29 -3.13
CA LEU B 466 12.77 12.79 -3.39
C LEU B 466 12.15 13.49 -4.60
N ASP B 467 12.15 14.83 -4.60
CA ASP B 467 11.73 15.58 -5.78
C ASP B 467 12.35 14.98 -7.03
N SER B 468 13.68 14.80 -6.98
CA SER B 468 14.43 14.39 -8.16
C SER B 468 13.97 13.03 -8.68
N LEU B 469 13.34 12.20 -7.83
CA LEU B 469 12.75 10.94 -8.28
C LEU B 469 11.67 11.15 -9.35
N TYR B 470 10.91 12.25 -9.25
CA TYR B 470 9.76 12.43 -10.14
C TYR B 470 10.10 13.34 -11.31
N SER B 471 11.39 13.66 -11.48
CA SER B 471 11.77 14.68 -12.43
C SER B 471 11.66 14.13 -13.86
N THR B 472 11.07 14.95 -14.77
CA THR B 472 11.03 14.65 -16.20
C THR B 472 11.71 15.74 -17.02
N ASP B 473 12.77 16.38 -16.52
CA ASP B 473 13.37 17.49 -17.26
C ASP B 473 14.43 17.00 -18.26
#